data_7CTA
#
_entry.id   7CTA
#
_cell.length_a   181.962
_cell.length_b   50.574
_cell.length_c   104.410
_cell.angle_alpha   90.000
_cell.angle_beta   122.700
_cell.angle_gamma   90.000
#
_symmetry.space_group_name_H-M   'C 1 2 1'
#
loop_
_entity.id
_entity.type
_entity.pdbx_description
1 polymer 'tRNA U34 carboxymethyltransferase'
2 non-polymer '(2S)-4-[{[(2S,3S,4R,5R)-5-(6-amino-9H-purin-9-yl)-3,4-dihydroxytetrahydrofuran-2-yl]methyl}(carboxylatomethyl)sulfonio] -2-ammoniobutanoate'
3 non-polymer 'SULFATE ION'
4 water water
#
_entity_poly.entity_id   1
_entity_poly.type   'polypeptide(L)'
_entity_poly.pdbx_seq_one_letter_code
;MMFNFANFYQLIAQDTRLQPWLNVLPQQLTDWQNAEHGDFPRWLKALNKIPEGAPDQIDIKHSVTISNDTPFHQGELKKL
ESLLRTFHPWRKGPYTVHGIHIDTEWRSDWKWDRVLPHISPLKNRSVLDVGCGNGYHMWRMLGEGARLCVGIDPSHLFLI
QFEAIRKLMGGDQRAHLLPLGIEQLPKLEAFDTVFSMGVLYHRRSPLDHLIQLKDQLVSGGELILETLVIEGDETAVLVP
KERYAQMRNVYFFPSARALKVWLELVGFEDVRIVDENVTSVDEQRTTNWMTHNSLPDYLDQNDPSKTVEGYPAPRRAILV
AKKPGHHHHHHG
;
_entity_poly.pdbx_strand_id   A,B
#
loop_
_chem_comp.id
_chem_comp.type
_chem_comp.name
_chem_comp.formula
GEK non-polymer '(2S)-4-[{[(2S,3S,4R,5R)-5-(6-amino-9H-purin-9-yl)-3,4-dihydroxytetrahydrofuran-2-yl]methyl}(carboxylatomethyl)sulfonio] -2-ammoniobutanoate' 'C16 H22 N6 O7 S'
SO4 non-polymer 'SULFATE ION' 'O4 S -2'
#
# COMPACT_ATOMS: atom_id res chain seq x y z
N MET A 1 3.80 27.46 19.47
CA MET A 1 2.73 27.72 18.48
C MET A 1 3.32 28.52 17.30
N MET A 2 3.30 27.91 16.10
CA MET A 2 3.58 28.59 14.81
C MET A 2 2.29 29.28 14.34
N PHE A 3 1.16 28.55 14.33
CA PHE A 3 -0.16 29.02 13.82
C PHE A 3 -1.28 28.35 14.65
N ASN A 4 -2.21 29.17 15.13
CA ASN A 4 -3.25 28.73 16.10
C ASN A 4 -4.52 28.34 15.34
N PHE A 5 -4.91 27.07 15.42
CA PHE A 5 -6.10 26.54 14.72
C PHE A 5 -7.35 26.70 15.58
N ALA A 6 -7.33 27.66 16.51
CA ALA A 6 -8.45 27.96 17.41
C ALA A 6 -9.78 27.91 16.64
N ASN A 7 -9.89 28.59 15.49
CA ASN A 7 -11.20 28.71 14.77
C ASN A 7 -11.60 27.36 14.21
N PHE A 8 -10.65 26.52 13.77
CA PHE A 8 -11.02 25.21 13.19
C PHE A 8 -11.62 24.33 14.30
N TYR A 9 -10.95 24.25 15.45
CA TYR A 9 -11.43 23.49 16.62
C TYR A 9 -12.88 23.89 16.95
N GLN A 10 -13.15 25.20 16.87
CA GLN A 10 -14.48 25.80 17.17
C GLN A 10 -15.52 25.27 16.17
N LEU A 11 -15.17 25.31 14.88
CA LEU A 11 -16.01 24.81 13.76
C LEU A 11 -16.39 23.35 14.04
N ILE A 12 -15.39 22.50 14.20
CA ILE A 12 -15.59 21.01 14.21
C ILE A 12 -16.22 20.57 15.54
N ALA A 13 -16.05 21.36 16.61
CA ALA A 13 -16.75 21.14 17.89
C ALA A 13 -18.26 21.12 17.63
N GLN A 14 -18.74 22.05 16.81
CA GLN A 14 -20.19 22.30 16.62
C GLN A 14 -20.71 21.53 15.41
N ASP A 15 -19.89 20.70 14.74
CA ASP A 15 -20.34 19.80 13.65
C ASP A 15 -20.50 18.39 14.23
N THR A 16 -21.68 17.78 14.00
CA THR A 16 -22.06 16.40 14.40
C THR A 16 -21.07 15.39 13.85
N ARG A 17 -20.72 15.53 12.57
CA ARG A 17 -19.96 14.51 11.79
C ARG A 17 -18.43 14.68 12.00
N LEU A 18 -17.97 15.90 12.30
CA LEU A 18 -16.53 16.24 12.44
C LEU A 18 -16.05 16.26 13.90
N GLN A 19 -16.93 16.35 14.89
CA GLN A 19 -16.51 16.46 16.32
C GLN A 19 -15.61 15.30 16.72
N PRO A 20 -15.86 14.07 16.22
CA PRO A 20 -15.02 12.94 16.60
C PRO A 20 -13.56 13.14 16.19
N TRP A 21 -13.31 14.00 15.20
CA TRP A 21 -11.93 14.35 14.73
C TRP A 21 -11.11 14.96 15.86
N LEU A 22 -11.76 15.60 16.85
CA LEU A 22 -11.09 16.21 18.04
C LEU A 22 -10.39 15.15 18.88
N ASN A 23 -10.78 13.88 18.72
CA ASN A 23 -10.15 12.75 19.43
C ASN A 23 -8.70 12.52 18.96
N VAL A 24 -8.28 13.04 17.79
CA VAL A 24 -6.96 12.71 17.19
C VAL A 24 -6.26 13.98 16.64
N LEU A 25 -7.00 14.95 16.09
CA LEU A 25 -6.42 16.13 15.37
C LEU A 25 -5.50 16.94 16.29
N PRO A 26 -5.96 17.41 17.47
CA PRO A 26 -5.23 18.43 18.21
C PRO A 26 -3.81 17.99 18.63
N GLN A 27 -3.60 16.72 18.95
CA GLN A 27 -2.24 16.25 19.33
C GLN A 27 -1.35 16.27 18.08
N GLN A 28 -1.91 16.06 16.89
CA GLN A 28 -1.13 16.07 15.62
C GLN A 28 -0.70 17.50 15.29
N LEU A 29 -1.64 18.44 15.41
CA LEU A 29 -1.38 19.88 15.15
C LEU A 29 -0.43 20.42 16.22
N THR A 30 -0.51 19.93 17.46
CA THR A 30 0.41 20.31 18.57
C THR A 30 1.83 19.91 18.18
N ASP A 31 2.02 18.66 17.73
CA ASP A 31 3.32 18.10 17.29
C ASP A 31 3.82 18.85 16.05
N TRP A 32 2.91 19.32 15.21
CA TRP A 32 3.28 20.10 13.99
C TRP A 32 3.89 21.45 14.42
N GLN A 33 3.27 22.13 15.40
CA GLN A 33 3.80 23.37 16.01
C GLN A 33 5.26 23.17 16.43
N ASN A 34 5.56 22.03 17.05
CA ASN A 34 6.83 21.75 17.78
C ASN A 34 7.93 21.28 16.81
N ALA A 35 7.58 20.71 15.65
CA ALA A 35 8.48 20.59 14.48
C ALA A 35 8.62 21.97 13.83
N GLU A 36 9.42 22.81 14.48
CA GLU A 36 9.84 24.17 14.04
C GLU A 36 10.13 24.17 12.54
N HIS A 37 9.90 25.29 11.85
CA HIS A 37 10.23 25.48 10.42
C HIS A 37 11.02 26.78 10.25
N GLY A 38 12.21 26.70 9.63
CA GLY A 38 13.09 27.86 9.33
C GLY A 38 12.34 29.13 8.93
N ASP A 39 11.47 29.08 7.91
CA ASP A 39 10.94 30.26 7.21
C ASP A 39 9.60 30.76 7.80
N PHE A 40 8.95 30.03 8.71
CA PHE A 40 7.54 30.30 9.13
C PHE A 40 7.41 31.55 10.00
N PRO A 41 8.31 31.81 10.99
CA PRO A 41 8.36 33.12 11.64
C PRO A 41 8.34 34.29 10.64
N ARG A 42 9.23 34.26 9.64
CA ARG A 42 9.33 35.34 8.59
C ARG A 42 7.96 35.46 7.89
N TRP A 43 7.48 34.36 7.27
CA TRP A 43 6.22 34.29 6.49
C TRP A 43 5.06 34.88 7.30
N LEU A 44 4.95 34.48 8.57
CA LEU A 44 3.94 35.00 9.53
C LEU A 44 4.04 36.52 9.62
N LYS A 45 5.25 37.09 9.84
CA LYS A 45 5.47 38.56 9.99
C LYS A 45 4.78 39.25 8.80
N ALA A 46 4.96 38.71 7.59
CA ALA A 46 4.40 39.24 6.32
C ALA A 46 2.88 39.07 6.28
N LEU A 47 2.36 37.89 6.64
CA LEU A 47 0.91 37.60 6.65
C LEU A 47 0.20 38.59 7.59
N ASN A 48 0.84 38.91 8.72
CA ASN A 48 0.27 39.83 9.75
C ASN A 48 0.19 41.25 9.17
N LYS A 49 1.15 41.66 8.33
CA LYS A 49 1.20 43.02 7.69
C LYS A 49 0.18 43.15 6.56
N ILE A 50 -0.45 42.05 6.10
CA ILE A 50 -1.45 42.12 4.99
C ILE A 50 -2.71 42.77 5.55
N PRO A 51 -3.28 43.81 4.90
CA PRO A 51 -4.50 44.46 5.39
C PRO A 51 -5.62 43.46 5.73
N GLU A 52 -6.17 43.52 6.94
CA GLU A 52 -7.31 42.64 7.30
C GLU A 52 -8.61 43.37 6.95
N GLY A 53 -9.76 42.72 7.12
CA GLY A 53 -11.08 43.29 6.83
C GLY A 53 -11.50 43.00 5.40
N ALA A 54 -12.82 43.10 5.16
CA ALA A 54 -13.54 42.58 3.96
C ALA A 54 -13.20 43.43 2.76
N PRO A 55 -13.16 42.82 1.54
CA PRO A 55 -13.22 43.58 0.31
C PRO A 55 -14.69 43.89 -0.01
N ASP A 56 -14.91 44.75 -0.99
CA ASP A 56 -16.28 45.16 -1.41
C ASP A 56 -16.77 44.11 -2.41
N GLN A 57 -15.93 43.70 -3.36
CA GLN A 57 -16.28 42.76 -4.46
C GLN A 57 -15.39 41.51 -4.38
N ILE A 58 -16.01 40.33 -4.34
CA ILE A 58 -15.35 39.00 -4.44
C ILE A 58 -16.01 38.22 -5.57
N ASP A 59 -15.24 37.75 -6.55
CA ASP A 59 -15.68 36.72 -7.52
C ASP A 59 -14.87 35.44 -7.32
N ILE A 60 -15.52 34.38 -6.86
CA ILE A 60 -14.93 33.02 -6.68
C ILE A 60 -15.68 32.03 -7.58
N LYS A 61 -16.39 32.56 -8.57
CA LYS A 61 -17.26 31.76 -9.45
C LYS A 61 -16.51 31.48 -10.77
N HIS A 62 -16.03 32.55 -11.42
CA HIS A 62 -15.39 32.52 -12.77
C HIS A 62 -13.88 32.65 -12.60
N SER A 63 -13.44 33.03 -11.42
CA SER A 63 -12.02 33.25 -11.10
C SER A 63 -11.85 33.21 -9.58
N VAL A 64 -10.69 33.61 -9.09
CA VAL A 64 -10.54 34.08 -7.69
C VAL A 64 -10.01 35.51 -7.76
N THR A 65 -10.93 36.49 -7.69
CA THR A 65 -10.63 37.95 -7.81
C THR A 65 -11.23 38.72 -6.63
N ILE A 66 -10.47 39.68 -6.12
CA ILE A 66 -10.83 40.55 -4.98
C ILE A 66 -10.57 42.00 -5.40
N SER A 67 -11.59 42.87 -5.33
CA SER A 67 -11.47 44.32 -5.63
C SER A 67 -12.31 45.14 -4.66
N ASN A 68 -11.97 46.42 -4.52
CA ASN A 68 -12.75 47.44 -3.77
C ASN A 68 -13.28 48.47 -4.77
N ASP A 69 -14.43 49.08 -4.44
CA ASP A 69 -15.07 50.16 -5.23
C ASP A 69 -14.19 51.41 -5.10
N THR A 70 -13.75 51.73 -3.87
CA THR A 70 -12.73 52.76 -3.54
C THR A 70 -11.36 52.26 -4.00
N PRO A 71 -10.65 52.99 -4.90
CA PRO A 71 -9.23 52.73 -5.16
C PRO A 71 -8.38 52.70 -3.88
N PHE A 72 -7.42 51.78 -3.83
CA PHE A 72 -6.35 51.65 -2.80
C PHE A 72 -5.27 52.70 -3.07
N HIS A 73 -4.60 53.24 -2.03
CA HIS A 73 -3.35 54.06 -2.14
C HIS A 73 -2.27 53.25 -2.87
N GLN A 74 -1.56 53.86 -3.85
CA GLN A 74 -0.50 53.17 -4.66
C GLN A 74 0.68 52.83 -3.74
N GLY A 75 0.79 53.51 -2.58
CA GLY A 75 1.70 53.16 -1.47
C GLY A 75 1.35 51.79 -0.91
N GLU A 76 0.08 51.61 -0.49
CA GLU A 76 -0.45 50.35 0.13
C GLU A 76 -0.40 49.18 -0.87
N LEU A 77 -0.56 49.43 -2.18
CA LEU A 77 -0.64 48.35 -3.19
C LEU A 77 0.76 47.85 -3.57
N LYS A 78 1.75 48.74 -3.66
CA LYS A 78 3.16 48.35 -3.90
C LYS A 78 3.62 47.52 -2.69
N LYS A 79 3.18 47.87 -1.48
CA LYS A 79 3.53 47.17 -0.21
C LYS A 79 2.89 45.76 -0.21
N LEU A 80 1.62 45.67 -0.65
CA LEU A 80 0.85 44.41 -0.71
C LEU A 80 1.55 43.44 -1.66
N GLU A 81 1.75 43.86 -2.91
CA GLU A 81 2.45 43.03 -3.92
C GLU A 81 3.76 42.53 -3.30
N SER A 82 4.52 43.42 -2.68
CA SER A 82 5.79 43.05 -2.00
C SER A 82 5.52 41.97 -0.96
N LEU A 83 4.50 42.13 -0.10
CA LEU A 83 4.17 41.13 0.95
C LEU A 83 3.90 39.78 0.28
N LEU A 84 2.98 39.77 -0.71
CA LEU A 84 2.52 38.55 -1.39
C LEU A 84 3.70 37.84 -2.08
N ARG A 85 4.68 38.59 -2.58
CA ARG A 85 5.87 38.05 -3.30
C ARG A 85 6.78 37.29 -2.35
N THR A 86 6.72 37.56 -1.04
CA THR A 86 7.57 36.89 -0.02
C THR A 86 7.16 35.41 0.07
N PHE A 87 5.97 35.06 -0.40
CA PHE A 87 5.41 33.67 -0.34
C PHE A 87 5.74 32.90 -1.61
N HIS A 88 6.79 33.31 -2.32
CA HIS A 88 7.37 32.56 -3.47
C HIS A 88 7.77 31.18 -2.97
N PRO A 89 7.62 30.07 -3.73
CA PRO A 89 7.00 30.06 -5.05
C PRO A 89 5.48 29.81 -5.08
N TRP A 90 4.79 30.54 -5.95
CA TRP A 90 3.31 30.52 -6.09
C TRP A 90 2.94 29.54 -7.20
N ARG A 91 2.58 28.31 -6.84
CA ARG A 91 2.42 27.20 -7.83
C ARG A 91 0.97 27.11 -8.28
N LYS A 92 -0.02 27.29 -7.40
CA LYS A 92 -1.44 27.07 -7.76
C LYS A 92 -2.21 28.39 -7.73
N GLY A 93 -2.99 28.63 -8.79
CA GLY A 93 -3.77 29.86 -9.01
C GLY A 93 -4.40 29.83 -10.40
N PRO A 94 -4.51 30.98 -11.11
CA PRO A 94 -4.00 32.26 -10.64
C PRO A 94 -5.04 33.04 -9.84
N TYR A 95 -4.56 34.03 -9.08
CA TYR A 95 -5.35 34.97 -8.24
C TYR A 95 -5.16 36.37 -8.80
N THR A 96 -6.22 37.20 -8.79
CA THR A 96 -6.15 38.67 -8.96
C THR A 96 -6.70 39.34 -7.71
N VAL A 97 -5.80 39.97 -6.95
CA VAL A 97 -6.10 40.49 -5.60
C VAL A 97 -5.79 42.00 -5.56
N HIS A 98 -6.84 42.83 -5.47
CA HIS A 98 -6.79 44.31 -5.61
C HIS A 98 -5.87 44.64 -6.78
N GLY A 99 -6.11 43.99 -7.93
CA GLY A 99 -5.47 44.32 -9.22
C GLY A 99 -4.05 43.78 -9.33
N ILE A 100 -3.54 43.09 -8.31
CA ILE A 100 -2.23 42.37 -8.40
C ILE A 100 -2.49 40.98 -8.99
N HIS A 101 -1.95 40.71 -10.16
CA HIS A 101 -2.07 39.40 -10.84
C HIS A 101 -0.95 38.48 -10.34
N ILE A 102 -1.34 37.51 -9.51
CA ILE A 102 -0.48 36.38 -9.08
C ILE A 102 -0.52 35.34 -10.22
N ASP A 103 0.44 35.44 -11.16
CA ASP A 103 0.63 34.48 -12.28
C ASP A 103 1.31 33.21 -11.75
N THR A 104 0.52 32.27 -11.24
CA THR A 104 0.98 30.99 -10.67
C THR A 104 1.48 30.06 -11.77
N GLU A 105 2.46 29.20 -11.43
CA GLU A 105 3.06 28.18 -12.33
C GLU A 105 1.96 27.43 -13.09
N TRP A 106 0.90 27.04 -12.36
CA TRP A 106 -0.23 26.24 -12.87
C TRP A 106 -1.42 27.15 -13.20
N ARG A 107 -2.01 26.92 -14.37
CA ARG A 107 -3.37 27.37 -14.72
C ARG A 107 -4.34 26.40 -14.03
N SER A 108 -4.50 26.55 -12.71
CA SER A 108 -5.33 25.62 -11.90
C SER A 108 -6.81 25.86 -12.20
N ASP A 109 -7.14 27.03 -12.78
CA ASP A 109 -8.48 27.36 -13.31
C ASP A 109 -8.84 26.35 -14.41
N TRP A 110 -7.91 26.05 -15.31
CA TRP A 110 -8.14 25.13 -16.47
C TRP A 110 -8.57 23.75 -15.96
N LYS A 111 -7.82 23.19 -15.00
CA LYS A 111 -8.12 21.87 -14.38
C LYS A 111 -9.54 21.93 -13.78
N TRP A 112 -9.92 23.07 -13.20
CA TRP A 112 -11.27 23.26 -12.62
C TRP A 112 -12.30 23.16 -13.74
N ASP A 113 -12.04 23.83 -14.87
CA ASP A 113 -12.94 23.92 -16.05
C ASP A 113 -13.17 22.51 -16.62
N ARG A 114 -12.17 21.63 -16.50
CA ARG A 114 -12.22 20.23 -16.97
C ARG A 114 -13.11 19.38 -16.04
N VAL A 115 -13.05 19.67 -14.74
CA VAL A 115 -13.65 18.86 -13.63
C VAL A 115 -15.15 19.19 -13.51
N LEU A 116 -15.50 20.47 -13.38
CA LEU A 116 -16.85 20.97 -13.03
C LEU A 116 -17.93 20.29 -13.86
N PRO A 117 -17.79 20.17 -15.20
CA PRO A 117 -18.81 19.54 -16.02
C PRO A 117 -19.25 18.14 -15.58
N HIS A 118 -18.48 17.40 -14.77
CA HIS A 118 -18.75 15.97 -14.47
C HIS A 118 -19.13 15.72 -13.01
N ILE A 119 -19.19 16.75 -12.16
CA ILE A 119 -19.44 16.53 -10.70
C ILE A 119 -20.92 16.76 -10.43
N SER A 120 -21.47 16.08 -9.41
CA SER A 120 -22.76 16.44 -8.78
C SER A 120 -22.64 17.84 -8.22
N PRO A 121 -23.71 18.65 -8.23
CA PRO A 121 -23.62 20.04 -7.78
C PRO A 121 -23.16 20.11 -6.33
N LEU A 122 -22.25 21.06 -6.06
CA LEU A 122 -21.64 21.29 -4.75
C LEU A 122 -22.57 22.11 -3.84
N LYS A 123 -23.58 22.79 -4.38
CA LYS A 123 -24.56 23.55 -3.54
C LYS A 123 -24.75 22.77 -2.24
N ASN A 124 -24.34 23.33 -1.10
CA ASN A 124 -24.60 22.85 0.28
C ASN A 124 -23.83 21.55 0.64
N ARG A 125 -22.87 21.11 -0.18
CA ARG A 125 -22.03 19.92 0.13
C ARG A 125 -20.89 20.37 1.07
N SER A 126 -20.51 19.50 1.99
CA SER A 126 -19.20 19.57 2.70
C SER A 126 -18.18 18.85 1.82
N VAL A 127 -17.03 19.48 1.53
CA VAL A 127 -15.98 18.93 0.61
C VAL A 127 -14.64 18.77 1.35
N LEU A 128 -13.89 17.73 1.02
CA LEU A 128 -12.48 17.57 1.47
C LEU A 128 -11.59 17.68 0.24
N ASP A 129 -10.66 18.64 0.17
CA ASP A 129 -9.66 18.76 -0.93
C ASP A 129 -8.36 18.15 -0.40
N VAL A 130 -8.05 16.91 -0.80
CA VAL A 130 -6.83 16.18 -0.36
C VAL A 130 -5.67 16.62 -1.28
N GLY A 131 -4.56 17.04 -0.68
CA GLY A 131 -3.48 17.73 -1.41
C GLY A 131 -3.98 18.99 -2.09
N CYS A 132 -4.62 19.89 -1.32
CA CYS A 132 -5.39 21.07 -1.84
C CYS A 132 -4.49 22.17 -2.41
N GLY A 133 -3.18 22.09 -2.15
CA GLY A 133 -2.24 23.17 -2.46
C GLY A 133 -2.50 24.35 -1.55
N ASN A 134 -2.46 25.57 -2.11
CA ASN A 134 -2.80 26.83 -1.38
C ASN A 134 -4.33 26.99 -1.28
N GLY A 135 -5.09 26.01 -1.78
CA GLY A 135 -6.55 25.94 -1.63
C GLY A 135 -7.29 26.68 -2.75
N TYR A 136 -6.63 26.98 -3.86
CA TYR A 136 -7.26 27.61 -5.05
C TYR A 136 -8.62 26.95 -5.32
N HIS A 137 -8.69 25.62 -5.37
CA HIS A 137 -9.92 24.89 -5.77
C HIS A 137 -11.00 25.04 -4.70
N MET A 138 -10.61 25.12 -3.43
CA MET A 138 -11.60 25.24 -2.32
C MET A 138 -12.37 26.54 -2.51
N TRP A 139 -11.70 27.60 -2.99
CA TRP A 139 -12.34 28.92 -3.30
C TRP A 139 -13.39 28.73 -4.40
N ARG A 140 -13.02 28.04 -5.48
CA ARG A 140 -13.92 27.75 -6.62
C ARG A 140 -15.07 26.86 -6.16
N MET A 141 -14.84 26.00 -5.15
CA MET A 141 -15.87 25.06 -4.63
C MET A 141 -16.94 25.90 -3.91
N LEU A 142 -16.52 26.90 -3.12
CA LEU A 142 -17.42 27.87 -2.46
C LEU A 142 -18.13 28.73 -3.52
N GLY A 143 -17.44 29.05 -4.62
CA GLY A 143 -18.03 29.71 -5.80
C GLY A 143 -19.25 28.97 -6.33
N GLU A 144 -19.24 27.63 -6.24
CA GLU A 144 -20.38 26.76 -6.61
C GLU A 144 -21.25 26.48 -5.38
N GLY A 145 -21.08 27.29 -4.33
CA GLY A 145 -21.93 27.28 -3.11
C GLY A 145 -21.78 26.01 -2.29
N ALA A 146 -20.55 25.50 -2.15
CA ALA A 146 -20.25 24.47 -1.14
C ALA A 146 -20.47 25.08 0.24
N ARG A 147 -21.02 24.30 1.16
CA ARG A 147 -21.36 24.72 2.55
C ARG A 147 -20.06 24.95 3.34
N LEU A 148 -19.07 24.07 3.11
CA LEU A 148 -17.82 23.97 3.92
C LEU A 148 -16.74 23.27 3.10
N CYS A 149 -15.52 23.79 3.14
CA CYS A 149 -14.35 23.24 2.40
C CYS A 149 -13.19 23.05 3.39
N VAL A 150 -12.70 21.81 3.51
CA VAL A 150 -11.54 21.46 4.36
C VAL A 150 -10.45 20.95 3.42
N GLY A 151 -9.29 21.61 3.46
CA GLY A 151 -8.10 21.23 2.68
C GLY A 151 -7.10 20.55 3.56
N ILE A 152 -6.37 19.59 3.03
CA ILE A 152 -5.29 18.82 3.72
C ILE A 152 -4.03 18.98 2.87
N ASP A 153 -2.95 19.53 3.42
CA ASP A 153 -1.67 19.70 2.68
C ASP A 153 -0.55 19.88 3.69
N PRO A 154 0.50 19.02 3.71
CA PRO A 154 1.61 19.18 4.64
C PRO A 154 2.43 20.48 4.51
N SER A 155 2.53 21.07 3.32
CA SER A 155 3.32 22.29 3.03
C SER A 155 2.95 23.45 3.97
N HIS A 156 3.92 23.83 4.81
CA HIS A 156 3.91 25.07 5.63
C HIS A 156 3.65 26.25 4.70
N LEU A 157 4.26 26.28 3.52
CA LEU A 157 4.16 27.47 2.65
C LEU A 157 2.71 27.60 2.13
N PHE A 158 2.09 26.47 1.76
CA PHE A 158 0.74 26.48 1.12
C PHE A 158 -0.28 26.95 2.17
N LEU A 159 -0.01 26.70 3.46
CA LEU A 159 -0.83 27.24 4.57
C LEU A 159 -0.76 28.77 4.57
N ILE A 160 0.46 29.34 4.51
CA ILE A 160 0.67 30.82 4.50
C ILE A 160 -0.04 31.43 3.28
N GLN A 161 0.19 30.87 2.10
CA GLN A 161 -0.46 31.28 0.83
C GLN A 161 -1.98 31.33 1.05
N PHE A 162 -2.57 30.28 1.64
CA PHE A 162 -4.04 30.18 1.81
C PHE A 162 -4.53 31.26 2.77
N GLU A 163 -3.82 31.46 3.88
CA GLU A 163 -4.28 32.35 4.97
C GLU A 163 -4.18 33.79 4.49
N ALA A 164 -3.25 34.06 3.57
CA ALA A 164 -3.11 35.36 2.87
C ALA A 164 -4.39 35.63 2.10
N ILE A 165 -4.74 34.78 1.14
CA ILE A 165 -5.95 34.97 0.31
C ILE A 165 -7.15 35.04 1.27
N ARG A 166 -7.21 34.15 2.26
CA ARG A 166 -8.37 34.12 3.18
C ARG A 166 -8.47 35.48 3.88
N LYS A 167 -7.36 35.99 4.42
CA LYS A 167 -7.38 37.29 5.14
C LYS A 167 -7.96 38.36 4.20
N LEU A 168 -7.53 38.35 2.93
CA LEU A 168 -7.90 39.34 1.89
C LEU A 168 -9.36 39.12 1.44
N MET A 169 -9.95 37.96 1.74
CA MET A 169 -11.41 37.68 1.58
C MET A 169 -12.18 38.08 2.86
N GLY A 170 -11.54 38.76 3.81
CA GLY A 170 -12.18 39.14 5.09
C GLY A 170 -12.39 37.96 6.04
N GLY A 171 -11.49 36.98 6.02
CA GLY A 171 -11.46 35.89 7.02
C GLY A 171 -12.60 34.90 6.86
N ASP A 172 -13.07 34.67 5.63
CA ASP A 172 -14.04 33.60 5.28
C ASP A 172 -13.78 32.33 6.10
N GLN A 173 -14.75 31.88 6.91
CA GLN A 173 -14.58 30.75 7.86
C GLN A 173 -15.16 29.45 7.28
N ARG A 174 -15.45 29.43 5.97
CA ARG A 174 -16.12 28.29 5.28
C ARG A 174 -15.08 27.44 4.57
N ALA A 175 -13.86 27.94 4.42
CA ALA A 175 -12.68 27.15 3.97
C ALA A 175 -11.59 27.22 5.04
N HIS A 176 -10.84 26.11 5.17
CA HIS A 176 -9.76 25.88 6.14
C HIS A 176 -8.72 24.94 5.53
N LEU A 177 -7.46 25.16 5.85
CA LEU A 177 -6.36 24.30 5.40
C LEU A 177 -5.63 23.79 6.65
N LEU A 178 -5.66 22.48 6.86
CA LEU A 178 -4.95 21.78 7.96
C LEU A 178 -3.66 21.21 7.42
N PRO A 179 -2.53 21.45 8.09
CA PRO A 179 -1.25 20.93 7.62
C PRO A 179 -1.03 19.42 7.87
N LEU A 180 -1.88 18.55 7.33
CA LEU A 180 -1.85 17.08 7.59
C LEU A 180 -1.58 16.32 6.29
N GLY A 181 -1.05 15.10 6.41
CA GLY A 181 -1.14 14.10 5.33
C GLY A 181 -2.48 13.38 5.38
N ILE A 182 -3.00 12.93 4.24
CA ILE A 182 -4.26 12.13 4.18
C ILE A 182 -4.16 10.94 5.15
N GLU A 183 -2.96 10.32 5.28
CA GLU A 183 -2.70 9.13 6.13
C GLU A 183 -3.00 9.42 7.61
N GLN A 184 -3.02 10.68 8.02
CA GLN A 184 -3.22 11.13 9.43
C GLN A 184 -4.72 11.26 9.73
N LEU A 185 -5.61 11.25 8.73
CA LEU A 185 -7.06 11.41 9.00
C LEU A 185 -7.58 10.08 9.52
N PRO A 186 -8.50 10.05 10.53
CA PRO A 186 -9.23 8.83 10.87
C PRO A 186 -10.37 8.58 9.87
N LYS A 187 -11.15 7.52 10.08
CA LYS A 187 -12.32 7.15 9.23
C LYS A 187 -13.51 8.05 9.60
N LEU A 188 -13.56 9.29 9.13
CA LEU A 188 -14.56 10.30 9.55
C LEU A 188 -15.91 10.08 8.86
N GLU A 189 -15.90 9.62 7.61
CA GLU A 189 -17.12 9.41 6.78
C GLU A 189 -18.10 10.59 6.96
N ALA A 190 -17.63 11.82 6.71
CA ALA A 190 -18.34 13.05 7.08
C ALA A 190 -18.55 13.99 5.87
N PHE A 191 -18.04 13.63 4.70
CA PHE A 191 -17.92 14.56 3.54
C PHE A 191 -18.84 14.10 2.40
N ASP A 192 -19.55 15.06 1.78
CA ASP A 192 -20.42 14.82 0.59
C ASP A 192 -19.54 14.54 -0.63
N THR A 193 -18.59 15.43 -0.95
CA THR A 193 -17.60 15.22 -2.02
C THR A 193 -16.17 15.25 -1.45
N VAL A 194 -15.27 14.43 -2.00
CA VAL A 194 -13.81 14.41 -1.71
C VAL A 194 -13.07 14.55 -3.02
N PHE A 195 -12.19 15.53 -3.12
CA PHE A 195 -11.24 15.70 -4.24
C PHE A 195 -9.89 15.13 -3.81
N SER A 196 -9.27 14.32 -4.66
CA SER A 196 -7.84 13.94 -4.59
C SER A 196 -7.25 14.15 -5.99
N MET A 197 -6.55 15.28 -6.17
CA MET A 197 -6.02 15.70 -7.49
C MET A 197 -4.51 15.97 -7.32
N GLY A 198 -3.71 15.11 -7.95
CA GLY A 198 -2.23 15.20 -7.99
C GLY A 198 -1.58 14.55 -6.79
N VAL A 199 -2.23 13.55 -6.18
CA VAL A 199 -1.72 12.94 -4.92
C VAL A 199 -1.34 11.48 -5.16
N LEU A 200 -2.09 10.75 -5.98
CA LEU A 200 -2.04 9.26 -6.00
C LEU A 200 -0.62 8.77 -6.33
N TYR A 201 0.10 9.45 -7.24
CA TYR A 201 1.43 9.02 -7.75
C TYR A 201 2.50 9.23 -6.67
N HIS A 202 2.20 9.99 -5.62
CA HIS A 202 3.12 10.33 -4.50
C HIS A 202 3.02 9.29 -3.40
N ARG A 203 2.03 8.39 -3.48
CA ARG A 203 1.59 7.51 -2.36
C ARG A 203 2.04 6.09 -2.67
N ARG A 204 2.85 5.51 -1.79
CA ARG A 204 3.51 4.19 -2.05
C ARG A 204 2.47 3.06 -2.16
N SER A 205 1.36 3.16 -1.42
CA SER A 205 0.19 2.25 -1.51
C SER A 205 -0.98 3.01 -2.15
N PRO A 206 -1.16 2.90 -3.46
CA PRO A 206 -2.28 3.53 -4.13
C PRO A 206 -3.64 3.02 -3.61
N LEU A 207 -3.79 1.72 -3.39
CA LEU A 207 -5.11 1.17 -3.00
C LEU A 207 -5.47 1.72 -1.62
N ASP A 208 -4.50 1.73 -0.68
CA ASP A 208 -4.69 2.32 0.67
C ASP A 208 -5.07 3.80 0.52
N HIS A 209 -4.56 4.49 -0.49
CA HIS A 209 -4.89 5.91 -0.72
C HIS A 209 -6.36 6.02 -1.10
N LEU A 210 -6.83 5.18 -2.03
CA LEU A 210 -8.24 5.18 -2.51
C LEU A 210 -9.17 4.86 -1.32
N ILE A 211 -8.75 3.95 -0.43
CA ILE A 211 -9.58 3.53 0.74
C ILE A 211 -9.65 4.72 1.74
N GLN A 212 -8.52 5.38 2.00
CA GLN A 212 -8.43 6.56 2.89
C GLN A 212 -9.41 7.65 2.43
N LEU A 213 -9.53 7.82 1.11
CA LEU A 213 -10.51 8.76 0.49
C LEU A 213 -11.93 8.24 0.76
N LYS A 214 -12.19 6.98 0.42
CA LYS A 214 -13.53 6.37 0.59
C LYS A 214 -13.98 6.55 2.05
N ASP A 215 -13.02 6.54 2.99
CA ASP A 215 -13.27 6.56 4.46
C ASP A 215 -13.68 7.96 4.94
N GLN A 216 -13.51 9.01 4.12
CA GLN A 216 -13.90 10.40 4.49
C GLN A 216 -15.29 10.72 3.91
N LEU A 217 -15.75 9.92 2.94
CA LEU A 217 -17.07 10.08 2.28
C LEU A 217 -18.18 9.51 3.16
N VAL A 218 -19.30 10.23 3.23
CA VAL A 218 -20.63 9.69 3.67
C VAL A 218 -21.12 8.67 2.62
N SER A 219 -22.24 8.00 2.91
CA SER A 219 -22.89 7.05 1.97
C SER A 219 -23.20 7.76 0.65
N GLY A 220 -23.04 7.06 -0.47
CA GLY A 220 -23.32 7.61 -1.81
C GLY A 220 -22.61 8.92 -2.07
N GLY A 221 -21.60 9.26 -1.26
CA GLY A 221 -20.79 10.48 -1.43
C GLY A 221 -19.94 10.36 -2.66
N GLU A 222 -19.45 11.48 -3.19
CA GLU A 222 -18.76 11.54 -4.50
C GLU A 222 -17.26 11.79 -4.35
N LEU A 223 -16.46 10.99 -5.06
CA LEU A 223 -14.99 11.10 -5.21
C LEU A 223 -14.64 11.63 -6.60
N ILE A 224 -13.96 12.77 -6.67
CA ILE A 224 -13.17 13.21 -7.86
C ILE A 224 -11.72 12.82 -7.62
N LEU A 225 -11.16 12.04 -8.52
CA LEU A 225 -9.77 11.55 -8.45
C LEU A 225 -9.05 12.00 -9.71
N GLU A 226 -7.98 12.78 -9.54
CA GLU A 226 -7.13 13.27 -10.66
C GLU A 226 -5.68 12.87 -10.39
N THR A 227 -5.00 12.32 -11.38
CA THR A 227 -3.62 11.80 -11.23
C THR A 227 -2.99 11.66 -12.61
N LEU A 228 -1.66 11.55 -12.65
CA LEU A 228 -0.87 11.31 -13.88
C LEU A 228 -1.04 9.85 -14.26
N VAL A 229 -1.19 9.61 -15.56
CA VAL A 229 -1.51 8.27 -16.12
C VAL A 229 -0.67 8.06 -17.37
N ILE A 230 -0.79 6.87 -17.93
CA ILE A 230 -0.23 6.43 -19.23
C ILE A 230 -1.41 5.92 -20.05
N GLU A 231 -1.17 5.65 -21.33
CA GLU A 231 -2.18 5.02 -22.22
C GLU A 231 -2.17 3.53 -21.93
N GLY A 232 -3.30 2.84 -22.16
CA GLY A 232 -3.35 1.38 -22.17
C GLY A 232 -4.64 0.81 -21.60
N ASP A 233 -4.73 -0.52 -21.66
CA ASP A 233 -5.83 -1.34 -21.10
C ASP A 233 -5.65 -1.42 -19.57
N GLU A 234 -6.42 -2.28 -18.90
CA GLU A 234 -6.48 -2.31 -17.42
C GLU A 234 -5.22 -2.93 -16.81
N THR A 235 -4.28 -3.40 -17.63
CA THR A 235 -2.99 -3.99 -17.20
C THR A 235 -1.82 -3.03 -17.48
N ALA A 236 -2.07 -1.77 -17.85
CA ALA A 236 -1.06 -0.74 -18.16
C ALA A 236 -0.78 0.08 -16.90
N VAL A 237 0.39 -0.14 -16.29
CA VAL A 237 0.76 0.41 -14.96
C VAL A 237 2.28 0.69 -14.94
N LEU A 238 2.65 1.95 -15.19
CA LEU A 238 4.06 2.40 -15.11
C LEU A 238 4.40 2.62 -13.64
N VAL A 239 5.48 1.98 -13.20
CA VAL A 239 6.18 2.25 -11.91
C VAL A 239 7.63 2.54 -12.26
N PRO A 240 8.07 3.82 -12.25
CA PRO A 240 9.39 4.19 -12.75
C PRO A 240 10.54 3.73 -11.84
N LYS A 241 11.61 3.13 -12.42
CA LYS A 241 12.86 2.78 -11.68
C LYS A 241 13.51 4.11 -11.25
N GLU A 242 13.49 5.09 -12.16
CA GLU A 242 14.28 6.35 -12.07
C GLU A 242 13.44 7.42 -11.34
N ARG A 243 13.50 8.64 -11.83
CA ARG A 243 12.51 9.72 -11.56
C ARG A 243 11.56 9.77 -12.75
N TYR A 244 10.46 10.50 -12.61
CA TYR A 244 9.47 10.79 -13.68
C TYR A 244 9.22 12.30 -13.72
N ALA A 245 9.66 12.97 -14.79
CA ALA A 245 9.57 14.44 -14.92
C ALA A 245 10.25 15.11 -13.72
N GLN A 246 11.44 14.62 -13.35
CA GLN A 246 12.32 15.18 -12.30
C GLN A 246 11.79 14.90 -10.90
N MET A 247 10.57 14.37 -10.72
CA MET A 247 9.99 14.06 -9.38
C MET A 247 10.68 12.83 -8.79
N ARG A 248 10.96 12.87 -7.49
CA ARG A 248 11.88 11.91 -6.82
C ARG A 248 11.08 10.81 -6.09
N ASN A 249 9.97 11.14 -5.45
CA ASN A 249 9.28 10.25 -4.48
C ASN A 249 7.92 9.91 -5.06
N VAL A 250 7.97 9.00 -6.02
CA VAL A 250 6.88 8.78 -7.01
C VAL A 250 6.74 7.28 -7.24
N TYR A 251 5.52 6.80 -7.44
CA TYR A 251 5.21 5.36 -7.35
C TYR A 251 4.34 4.92 -8.54
N PHE A 252 3.02 4.94 -8.44
CA PHE A 252 2.14 4.28 -9.44
C PHE A 252 1.57 5.30 -10.43
N PHE A 253 1.68 4.95 -11.73
CA PHE A 253 1.08 5.67 -12.88
C PHE A 253 0.28 4.67 -13.71
N PRO A 254 -0.89 4.24 -13.23
CA PRO A 254 -1.72 3.30 -13.98
C PRO A 254 -2.38 4.03 -15.14
N SER A 255 -2.86 3.30 -16.15
CA SER A 255 -3.77 3.84 -17.19
C SER A 255 -5.08 4.22 -16.49
N ALA A 256 -5.80 5.19 -17.05
CA ALA A 256 -7.15 5.59 -16.60
C ALA A 256 -8.02 4.33 -16.48
N ARG A 257 -7.86 3.37 -17.40
CA ARG A 257 -8.70 2.14 -17.43
C ARG A 257 -8.30 1.20 -16.29
N ALA A 258 -7.01 1.13 -15.95
CA ALA A 258 -6.54 0.34 -14.78
C ALA A 258 -7.04 1.03 -13.50
N LEU A 259 -6.87 2.35 -13.39
CA LEU A 259 -7.28 3.11 -12.19
C LEU A 259 -8.77 2.90 -11.94
N LYS A 260 -9.54 2.78 -13.01
CA LYS A 260 -11.01 2.55 -12.94
C LYS A 260 -11.27 1.19 -12.31
N VAL A 261 -10.53 0.15 -12.69
CA VAL A 261 -10.63 -1.21 -12.07
C VAL A 261 -10.19 -1.15 -10.59
N TRP A 262 -9.08 -0.46 -10.30
CA TRP A 262 -8.54 -0.26 -8.94
C TRP A 262 -9.65 0.29 -8.04
N LEU A 263 -10.32 1.35 -8.49
CA LEU A 263 -11.41 2.04 -7.75
C LEU A 263 -12.57 1.08 -7.50
N GLU A 264 -12.89 0.26 -8.50
CA GLU A 264 -13.95 -0.78 -8.42
C GLU A 264 -13.53 -1.82 -7.37
N LEU A 265 -12.29 -2.35 -7.46
CA LEU A 265 -11.78 -3.44 -6.57
C LEU A 265 -11.99 -3.01 -5.11
N VAL A 266 -11.60 -1.76 -4.83
CA VAL A 266 -11.55 -1.14 -3.47
C VAL A 266 -12.99 -0.95 -2.97
N GLY A 267 -13.97 -0.87 -3.87
CA GLY A 267 -15.40 -0.90 -3.53
C GLY A 267 -16.20 0.29 -4.01
N PHE A 268 -15.64 1.19 -4.82
CA PHE A 268 -16.39 2.32 -5.46
C PHE A 268 -17.35 1.79 -6.54
N GLU A 269 -18.44 2.54 -6.75
CA GLU A 269 -19.52 2.31 -7.74
C GLU A 269 -19.52 3.44 -8.77
N ASP A 270 -20.18 3.25 -9.93
CA ASP A 270 -20.40 4.29 -10.98
C ASP A 270 -19.07 4.92 -11.39
N VAL A 271 -18.02 4.12 -11.50
CA VAL A 271 -16.69 4.69 -11.78
C VAL A 271 -16.62 5.09 -13.25
N ARG A 272 -16.32 6.35 -13.52
CA ARG A 272 -16.35 6.99 -14.85
C ARG A 272 -15.00 7.66 -15.11
N ILE A 273 -14.38 7.38 -16.25
CA ILE A 273 -13.26 8.19 -16.80
C ILE A 273 -13.89 9.32 -17.59
N VAL A 274 -13.73 10.57 -17.15
CA VAL A 274 -14.48 11.74 -17.73
C VAL A 274 -13.56 12.70 -18.51
N ASP A 275 -12.23 12.44 -18.58
CA ASP A 275 -11.26 13.34 -19.24
C ASP A 275 -9.85 12.77 -19.09
N GLU A 276 -9.08 12.84 -20.18
CA GLU A 276 -7.61 12.66 -20.23
C GLU A 276 -7.06 13.91 -20.92
N ASN A 277 -6.14 14.62 -20.27
CA ASN A 277 -5.49 15.82 -20.84
C ASN A 277 -3.97 15.62 -20.79
N VAL A 278 -3.27 16.01 -21.86
CA VAL A 278 -1.77 16.04 -21.93
C VAL A 278 -1.34 17.45 -21.53
N THR A 279 -0.79 17.60 -20.30
CA THR A 279 -0.33 18.89 -19.73
C THR A 279 0.52 19.62 -20.77
N SER A 280 0.06 20.77 -21.27
CA SER A 280 0.84 21.66 -22.16
C SER A 280 1.70 22.59 -21.30
N VAL A 281 2.67 23.24 -21.93
CA VAL A 281 3.59 24.23 -21.27
C VAL A 281 2.90 25.61 -21.19
N ASP A 282 1.63 25.71 -21.63
CA ASP A 282 0.75 26.89 -21.39
C ASP A 282 0.01 26.69 -20.05
N GLU A 283 -0.25 25.44 -19.66
CA GLU A 283 -0.91 25.07 -18.38
C GLU A 283 0.12 25.04 -17.24
N GLN A 284 1.35 24.63 -17.50
CA GLN A 284 2.40 24.55 -16.45
C GLN A 284 3.70 25.13 -16.99
N ARG A 285 4.10 26.28 -16.48
CA ARG A 285 5.30 27.00 -16.97
C ARG A 285 5.94 27.73 -15.79
N THR A 286 7.20 28.14 -15.97
CA THR A 286 7.88 29.13 -15.09
C THR A 286 7.17 30.47 -15.25
N THR A 287 7.14 31.30 -14.21
CA THR A 287 6.53 32.66 -14.21
C THR A 287 7.27 33.61 -13.27
N ASN A 288 6.87 34.87 -13.32
CA ASN A 288 7.42 35.94 -12.45
C ASN A 288 7.09 35.62 -10.99
N TRP A 289 6.07 34.81 -10.71
CA TRP A 289 5.71 34.45 -9.31
C TRP A 289 6.14 33.03 -8.94
N MET A 290 6.61 32.23 -9.91
CA MET A 290 7.19 30.89 -9.68
C MET A 290 8.41 30.74 -10.60
N THR A 291 9.57 31.20 -10.14
CA THR A 291 10.76 31.50 -10.99
C THR A 291 11.64 30.25 -11.12
N HIS A 292 11.33 29.20 -10.36
CA HIS A 292 12.03 27.90 -10.42
C HIS A 292 11.76 27.23 -11.77
N ASN A 293 12.39 26.07 -11.98
CA ASN A 293 12.10 25.15 -13.10
C ASN A 293 10.66 24.64 -13.07
N SER A 294 10.15 24.27 -14.24
CA SER A 294 8.77 23.77 -14.48
C SER A 294 8.76 22.84 -15.71
N LEU A 295 7.59 22.54 -16.25
CA LEU A 295 7.38 21.38 -17.16
C LEU A 295 8.35 21.41 -18.35
N PRO A 296 8.57 22.54 -19.05
CA PRO A 296 9.51 22.55 -20.19
C PRO A 296 10.90 21.95 -19.86
N ASP A 297 11.36 22.16 -18.62
CA ASP A 297 12.63 21.63 -18.08
C ASP A 297 12.56 20.11 -17.91
N TYR A 298 11.36 19.56 -17.64
CA TYR A 298 11.12 18.15 -17.24
C TYR A 298 10.82 17.27 -18.48
N LEU A 299 10.57 17.89 -19.64
CA LEU A 299 10.36 17.16 -20.92
C LEU A 299 11.72 16.94 -21.60
N ASP A 300 11.83 15.90 -22.46
CA ASP A 300 12.91 15.70 -23.46
C ASP A 300 13.00 16.98 -24.29
N GLN A 301 14.18 17.62 -24.37
CA GLN A 301 14.41 18.87 -25.15
C GLN A 301 14.21 18.57 -26.65
N ASN A 302 14.30 17.29 -27.05
CA ASN A 302 14.15 16.75 -28.45
C ASN A 302 12.72 16.28 -28.75
N ASP A 303 11.93 15.94 -27.74
CA ASP A 303 10.63 15.25 -27.94
C ASP A 303 9.70 15.55 -26.76
N PRO A 304 8.80 16.55 -26.91
CA PRO A 304 7.87 16.91 -25.82
C PRO A 304 6.82 15.84 -25.47
N SER A 305 6.76 14.75 -26.25
CA SER A 305 5.89 13.57 -25.99
C SER A 305 6.53 12.65 -24.94
N LYS A 306 7.75 12.97 -24.49
CA LYS A 306 8.52 12.17 -23.49
C LYS A 306 9.06 13.08 -22.38
N THR A 307 9.26 12.52 -21.19
CA THR A 307 9.97 13.18 -20.06
C THR A 307 11.47 13.13 -20.36
N VAL A 308 12.28 13.98 -19.71
CA VAL A 308 13.77 13.92 -19.82
C VAL A 308 14.23 12.48 -19.61
N GLU A 309 13.58 11.70 -18.74
CA GLU A 309 13.99 10.31 -18.41
C GLU A 309 13.66 9.34 -19.55
N GLY A 310 12.82 9.73 -20.51
CA GLY A 310 12.42 8.89 -21.67
C GLY A 310 11.02 8.30 -21.55
N TYR A 311 10.33 8.46 -20.41
CA TYR A 311 8.97 7.90 -20.17
C TYR A 311 7.93 8.74 -20.93
N PRO A 312 6.72 8.20 -21.22
CA PRO A 312 5.66 8.99 -21.82
C PRO A 312 5.46 10.28 -21.01
N ALA A 313 5.23 11.41 -21.68
CA ALA A 313 5.11 12.74 -21.05
C ALA A 313 3.84 12.84 -20.20
N PRO A 314 3.80 13.79 -19.23
CA PRO A 314 2.65 13.95 -18.33
C PRO A 314 1.28 13.96 -19.02
N ARG A 315 0.41 13.09 -18.53
CA ARG A 315 -1.00 12.98 -18.99
C ARG A 315 -1.85 12.89 -17.72
N ARG A 316 -2.73 13.87 -17.48
CA ARG A 316 -3.59 13.90 -16.27
C ARG A 316 -4.97 13.37 -16.66
N ALA A 317 -5.54 12.52 -15.80
CA ALA A 317 -6.85 11.86 -15.99
C ALA A 317 -7.78 12.23 -14.83
N ILE A 318 -9.03 12.57 -15.14
CA ILE A 318 -10.11 12.78 -14.13
C ILE A 318 -11.03 11.57 -14.16
N LEU A 319 -11.23 10.96 -12.99
CA LEU A 319 -12.21 9.89 -12.74
C LEU A 319 -13.18 10.38 -11.67
N VAL A 320 -14.45 10.01 -11.78
CA VAL A 320 -15.51 10.35 -10.80
C VAL A 320 -16.16 9.03 -10.40
N ALA A 321 -16.47 8.83 -9.12
CA ALA A 321 -17.09 7.61 -8.56
C ALA A 321 -17.99 7.94 -7.36
N LYS A 322 -18.88 7.01 -7.01
CA LYS A 322 -19.80 7.08 -5.84
C LYS A 322 -19.33 6.04 -4.82
N LYS A 323 -19.30 6.40 -3.55
CA LYS A 323 -19.16 5.43 -2.44
C LYS A 323 -20.51 4.72 -2.29
N PRO A 324 -20.53 3.40 -2.08
CA PRO A 324 -21.79 2.64 -1.96
C PRO A 324 -22.82 3.26 -1.00
N GLY A 325 -24.10 2.97 -1.27
CA GLY A 325 -25.21 3.40 -0.42
C GLY A 325 -25.86 4.62 -1.01
N HIS A 326 -27.02 5.00 -0.47
CA HIS A 326 -27.83 6.15 -0.91
C HIS A 326 -27.26 7.40 -0.25
N HIS A 327 -27.25 8.54 -0.94
CA HIS A 327 -26.69 9.82 -0.41
C HIS A 327 -27.86 10.62 0.12
N HIS A 328 -27.96 10.87 1.43
CA HIS A 328 -29.04 11.75 1.94
C HIS A 328 -28.50 13.17 2.09
N HIS A 329 -29.27 14.14 1.59
CA HIS A 329 -28.92 15.57 1.38
C HIS A 329 -30.18 16.36 1.02
N MET B 1 -4.25 -19.49 27.50
CA MET B 1 -3.22 -20.18 26.67
C MET B 1 -3.90 -21.21 25.75
N MET B 2 -3.76 -21.02 24.44
CA MET B 2 -3.97 -22.09 23.43
C MET B 2 -2.68 -22.89 23.27
N PHE B 3 -1.53 -22.22 23.11
CA PHE B 3 -0.22 -22.83 22.76
C PHE B 3 0.93 -22.01 23.37
N ASN B 4 1.86 -22.68 24.03
CA ASN B 4 2.94 -22.02 24.81
C ASN B 4 4.20 -21.89 23.95
N PHE B 5 4.61 -20.67 23.62
CA PHE B 5 5.82 -20.39 22.81
C PHE B 5 7.06 -20.33 23.71
N ALA B 6 7.03 -20.95 24.89
CA ALA B 6 8.11 -20.90 25.88
C ALA B 6 9.45 -21.15 25.17
N ASN B 7 9.55 -22.16 24.32
CA ASN B 7 10.85 -22.57 23.72
C ASN B 7 11.29 -21.51 22.73
N PHE B 8 10.37 -20.86 22.02
CA PHE B 8 10.77 -19.82 21.04
C PHE B 8 11.36 -18.63 21.80
N TYR B 9 10.69 -18.15 22.83
CA TYR B 9 11.18 -17.05 23.69
C TYR B 9 12.62 -17.34 24.15
N GLN B 10 12.89 -18.61 24.50
CA GLN B 10 14.21 -19.11 25.00
C GLN B 10 15.23 -18.99 23.87
N LEU B 11 14.88 -19.44 22.67
CA LEU B 11 15.73 -19.36 21.46
C LEU B 11 16.15 -17.91 21.25
N ILE B 12 15.18 -17.02 21.11
CA ILE B 12 15.43 -15.62 20.65
C ILE B 12 16.04 -14.79 21.78
N ALA B 13 15.82 -15.16 23.05
CA ALA B 13 16.53 -14.56 24.20
C ALA B 13 18.05 -14.67 23.97
N GLN B 14 18.51 -15.82 23.49
CA GLN B 14 19.96 -16.16 23.40
C GLN B 14 20.49 -15.83 22.00
N ASP B 15 19.68 -15.30 21.09
CA ASP B 15 20.14 -14.79 19.77
C ASP B 15 20.34 -13.27 19.89
N THR B 16 21.52 -12.77 19.49
CA THR B 16 21.90 -11.35 19.57
C THR B 16 21.00 -10.53 18.64
N ARG B 17 20.65 -11.07 17.47
CA ARG B 17 19.91 -10.30 16.42
C ARG B 17 18.39 -10.39 16.63
N LEU B 18 17.89 -11.44 17.30
CA LEU B 18 16.43 -11.69 17.48
C LEU B 18 15.93 -11.24 18.86
N GLN B 19 16.81 -11.00 19.82
CA GLN B 19 16.38 -10.64 21.21
C GLN B 19 15.52 -9.39 21.19
N PRO B 20 15.79 -8.40 20.33
CA PRO B 20 14.99 -7.17 20.30
C PRO B 20 13.53 -7.46 19.95
N TRP B 21 13.27 -8.60 19.30
CA TRP B 21 11.90 -9.04 18.94
C TRP B 21 11.04 -9.23 20.19
N LEU B 22 11.66 -9.52 21.34
CA LEU B 22 10.96 -9.73 22.64
C LEU B 22 10.28 -8.42 23.07
N ASN B 23 10.68 -7.30 22.49
CA ASN B 23 10.08 -5.99 22.81
C ASN B 23 8.65 -5.88 22.27
N VAL B 24 8.22 -6.74 21.33
CA VAL B 24 6.86 -6.63 20.70
C VAL B 24 6.18 -8.01 20.59
N LEU B 25 6.93 -9.10 20.36
CA LEU B 25 6.36 -10.44 20.05
C LEU B 25 5.44 -10.91 21.16
N PRO B 26 5.88 -10.98 22.44
CA PRO B 26 5.08 -11.64 23.48
C PRO B 26 3.70 -11.01 23.69
N GLN B 27 3.54 -9.70 23.52
CA GLN B 27 2.21 -9.06 23.70
C GLN B 27 1.29 -9.52 22.57
N GLN B 28 1.83 -9.76 21.39
CA GLN B 28 1.06 -10.15 20.19
C GLN B 28 0.60 -11.60 20.36
N LEU B 29 1.51 -12.46 20.80
CA LEU B 29 1.22 -13.90 21.05
C LEU B 29 0.27 -14.04 22.25
N THR B 30 0.35 -13.14 23.23
CA THR B 30 -0.59 -13.10 24.38
C THR B 30 -2.01 -12.82 23.86
N ASP B 31 -2.16 -11.80 23.01
CA ASP B 31 -3.44 -11.39 22.37
C ASP B 31 -3.95 -12.51 21.46
N TRP B 32 -3.05 -13.26 20.85
CA TRP B 32 -3.42 -14.39 19.96
C TRP B 32 -4.06 -15.51 20.79
N GLN B 33 -3.48 -15.82 21.96
CA GLN B 33 -4.04 -16.77 22.96
C GLN B 33 -5.50 -16.42 23.23
N ASN B 34 -5.79 -15.13 23.44
CA ASN B 34 -7.08 -14.59 23.98
C ASN B 34 -8.14 -14.48 22.88
N ALA B 35 -7.74 -14.34 21.61
CA ALA B 35 -8.63 -14.60 20.44
C ALA B 35 -8.78 -16.12 20.28
N GLU B 36 -9.54 -16.75 21.17
CA GLU B 36 -9.78 -18.22 21.23
C GLU B 36 -10.29 -18.66 19.85
N HIS B 37 -10.10 -19.93 19.51
CA HIS B 37 -10.46 -20.53 18.20
C HIS B 37 -11.27 -21.80 18.42
N GLY B 38 -12.45 -21.92 17.79
CA GLY B 38 -13.35 -23.09 17.85
C GLY B 38 -12.63 -24.44 17.87
N ASP B 39 -11.75 -24.69 16.90
CA ASP B 39 -11.21 -26.05 16.57
C ASP B 39 -9.89 -26.34 17.28
N PHE B 40 -9.25 -25.38 17.96
CA PHE B 40 -7.87 -25.51 18.50
C PHE B 40 -7.80 -26.46 19.70
N PRO B 41 -8.75 -26.40 20.68
CA PRO B 41 -8.87 -27.46 21.68
C PRO B 41 -8.85 -28.86 21.06
N ARG B 42 -9.70 -29.12 20.06
CA ARG B 42 -9.81 -30.43 19.37
C ARG B 42 -8.43 -30.79 18.78
N TRP B 43 -7.89 -29.93 17.90
CA TRP B 43 -6.61 -30.13 17.16
C TRP B 43 -5.50 -30.48 18.15
N LEU B 44 -5.40 -29.72 19.24
CA LEU B 44 -4.45 -29.94 20.35
C LEU B 44 -4.60 -31.39 20.88
N LYS B 45 -5.83 -31.82 21.24
CA LYS B 45 -6.10 -33.17 21.81
C LYS B 45 -5.43 -34.20 20.92
N ALA B 46 -5.58 -34.05 19.59
CA ALA B 46 -5.03 -34.94 18.55
C ALA B 46 -3.49 -34.84 18.51
N LEU B 47 -2.94 -33.61 18.49
CA LEU B 47 -1.48 -33.37 18.46
C LEU B 47 -0.84 -34.05 19.70
N ASN B 48 -1.50 -33.99 20.85
CA ASN B 48 -1.00 -34.57 22.13
C ASN B 48 -0.96 -36.10 22.00
N LYS B 49 -1.92 -36.71 21.29
CA LYS B 49 -2.01 -38.19 21.10
C LYS B 49 -0.99 -38.70 20.08
N ILE B 50 -0.30 -37.81 19.35
CA ILE B 50 0.70 -38.24 18.35
C ILE B 50 1.93 -38.74 19.11
N PRO B 51 2.46 -39.94 18.78
CA PRO B 51 3.65 -40.48 19.41
C PRO B 51 4.78 -39.46 19.60
N GLU B 52 5.23 -39.31 20.84
CA GLU B 52 6.43 -38.52 21.22
C GLU B 52 7.70 -39.32 20.89
N GLY B 53 8.84 -38.64 20.94
CA GLY B 53 10.16 -39.26 20.82
C GLY B 53 10.68 -39.20 19.40
N ALA B 54 12.00 -39.34 19.25
CA ALA B 54 12.79 -39.22 18.00
C ALA B 54 12.45 -40.38 17.07
N PRO B 55 12.47 -40.16 15.74
CA PRO B 55 12.56 -41.28 14.80
C PRO B 55 14.03 -41.71 14.67
N ASP B 56 14.28 -42.83 14.01
CA ASP B 56 15.65 -43.34 13.81
C ASP B 56 16.22 -42.68 12.55
N GLN B 57 15.43 -42.65 11.47
CA GLN B 57 15.85 -42.23 10.11
C GLN B 57 15.00 -41.04 9.67
N ILE B 58 15.66 -39.97 9.21
CA ILE B 58 15.00 -38.71 8.74
C ILE B 58 15.71 -38.28 7.46
N ASP B 59 14.96 -38.08 6.37
CA ASP B 59 15.47 -37.44 5.14
C ASP B 59 14.69 -36.14 4.91
N ILE B 60 15.36 -34.99 5.03
CA ILE B 60 14.79 -33.64 4.76
C ILE B 60 15.63 -33.00 3.64
N LYS B 61 16.35 -33.83 2.87
CA LYS B 61 17.26 -33.37 1.81
C LYS B 61 16.55 -33.50 0.45
N HIS B 62 16.04 -34.70 0.15
CA HIS B 62 15.44 -35.07 -1.16
C HIS B 62 13.92 -35.12 -1.00
N SER B 63 13.43 -35.09 0.23
CA SER B 63 11.98 -35.17 0.55
C SER B 63 11.79 -34.66 1.97
N VAL B 64 10.59 -34.86 2.54
CA VAL B 64 10.41 -34.85 4.02
C VAL B 64 9.83 -36.20 4.41
N THR B 65 10.71 -37.15 4.79
CA THR B 65 10.37 -38.56 5.16
C THR B 65 10.91 -38.91 6.54
N ILE B 66 10.11 -39.63 7.32
CA ILE B 66 10.41 -40.10 8.69
C ILE B 66 10.16 -41.60 8.74
N SER B 67 11.15 -42.42 9.12
CA SER B 67 10.98 -43.88 9.36
C SER B 67 11.77 -44.32 10.59
N ASN B 68 11.43 -45.50 11.10
CA ASN B 68 12.18 -46.23 12.16
C ASN B 68 12.78 -47.49 11.53
N ASP B 69 13.88 -48.01 12.08
CA ASP B 69 14.57 -49.23 11.58
C ASP B 69 13.67 -50.44 11.86
N THR B 70 13.15 -50.55 13.09
CA THR B 70 12.05 -51.47 13.49
C THR B 70 10.75 -50.89 12.96
N PRO B 71 10.00 -51.59 12.07
CA PRO B 71 8.63 -51.19 11.73
C PRO B 71 7.73 -50.99 12.97
N PHE B 72 6.93 -49.92 12.98
CA PHE B 72 6.08 -49.46 14.12
C PHE B 72 4.76 -50.25 14.11
N HIS B 73 4.20 -50.55 15.29
CA HIS B 73 3.02 -51.43 15.53
C HIS B 73 1.83 -50.97 14.66
N GLN B 74 1.17 -51.89 13.94
CA GLN B 74 0.16 -51.57 12.89
C GLN B 74 -1.11 -51.01 13.54
N GLY B 75 -1.30 -51.27 14.84
CA GLY B 75 -2.28 -50.59 15.70
C GLY B 75 -1.97 -49.10 15.81
N GLU B 76 -0.75 -48.75 16.23
CA GLU B 76 -0.27 -47.36 16.44
C GLU B 76 -0.22 -46.58 15.10
N LEU B 77 0.00 -47.23 13.96
CA LEU B 77 0.15 -46.57 12.64
C LEU B 77 -1.23 -46.23 12.05
N LYS B 78 -2.22 -47.11 12.22
CA LYS B 78 -3.61 -46.85 11.80
C LYS B 78 -4.15 -45.68 12.64
N LYS B 79 -3.77 -45.61 13.92
CA LYS B 79 -4.16 -44.52 14.87
C LYS B 79 -3.51 -43.20 14.44
N LEU B 80 -2.23 -43.24 14.03
CA LEU B 80 -1.44 -42.07 13.58
C LEU B 80 -2.12 -41.48 12.35
N GLU B 81 -2.28 -42.27 11.29
CA GLU B 81 -2.94 -41.83 10.04
C GLU B 81 -4.26 -41.15 10.42
N SER B 82 -5.06 -41.80 11.27
CA SER B 82 -6.33 -41.23 11.77
C SER B 82 -6.09 -39.87 12.41
N LEU B 83 -5.09 -39.75 13.30
CA LEU B 83 -4.78 -38.46 14.00
C LEU B 83 -4.45 -37.40 12.94
N LEU B 84 -3.53 -37.72 12.03
CA LEU B 84 -3.00 -36.76 11.02
C LEU B 84 -4.15 -36.30 10.11
N ARG B 85 -5.13 -37.16 9.84
CA ARG B 85 -6.29 -36.83 8.97
C ARG B 85 -7.21 -35.81 9.65
N THR B 86 -7.13 -35.66 10.98
CA THR B 86 -7.92 -34.68 11.79
C THR B 86 -7.53 -33.26 11.36
N PHE B 87 -6.34 -33.10 10.77
CA PHE B 87 -5.75 -31.79 10.40
C PHE B 87 -6.06 -31.46 8.95
N HIS B 88 -7.10 -32.07 8.38
CA HIS B 88 -7.62 -31.75 7.02
C HIS B 88 -8.02 -30.27 7.00
N PRO B 89 -7.77 -29.48 5.93
CA PRO B 89 -7.08 -29.92 4.71
C PRO B 89 -5.55 -29.70 4.63
N TRP B 90 -4.85 -30.67 4.04
CA TRP B 90 -3.36 -30.72 3.97
C TRP B 90 -2.90 -30.15 2.63
N ARG B 91 -2.50 -28.87 2.60
CA ARG B 91 -2.28 -28.15 1.32
C ARG B 91 -0.81 -28.24 0.88
N LYS B 92 0.15 -28.13 1.80
CA LYS B 92 1.60 -28.07 1.43
C LYS B 92 2.33 -29.33 1.90
N GLY B 93 3.12 -29.92 1.00
CA GLY B 93 3.86 -31.18 1.19
C GLY B 93 4.52 -31.61 -0.12
N PRO B 94 4.63 -32.92 -0.43
CA PRO B 94 4.05 -33.98 0.38
C PRO B 94 5.05 -34.48 1.43
N TYR B 95 4.51 -35.16 2.45
CA TYR B 95 5.23 -35.78 3.59
C TYR B 95 5.03 -37.30 3.49
N THR B 96 6.08 -38.09 3.81
CA THR B 96 5.97 -39.54 4.11
C THR B 96 6.43 -39.80 5.55
N VAL B 97 5.49 -40.12 6.43
CA VAL B 97 5.73 -40.18 7.90
C VAL B 97 5.38 -41.59 8.41
N HIS B 98 6.40 -42.37 8.80
CA HIS B 98 6.30 -43.82 9.13
C HIS B 98 5.40 -44.48 8.08
N GLY B 99 5.71 -44.25 6.80
CA GLY B 99 5.09 -44.93 5.66
C GLY B 99 3.67 -44.48 5.35
N ILE B 100 3.13 -43.49 6.08
CA ILE B 100 1.87 -42.79 5.72
C ILE B 100 2.21 -41.70 4.70
N HIS B 101 1.68 -41.81 3.49
CA HIS B 101 1.89 -40.79 2.44
C HIS B 101 0.81 -39.72 2.56
N ILE B 102 1.21 -38.54 3.06
CA ILE B 102 0.38 -37.32 3.08
C ILE B 102 0.52 -36.68 1.70
N ASP B 103 -0.41 -37.05 0.80
CA ASP B 103 -0.51 -36.50 -0.59
C ASP B 103 -1.21 -35.12 -0.53
N THR B 104 -0.41 -34.08 -0.31
CA THR B 104 -0.88 -32.69 -0.16
C THR B 104 -1.34 -32.14 -1.51
N GLU B 105 -2.30 -31.21 -1.50
CA GLU B 105 -2.85 -30.52 -2.70
C GLU B 105 -1.71 -30.09 -3.62
N TRP B 106 -0.66 -29.50 -3.04
CA TRP B 106 0.51 -28.94 -3.75
C TRP B 106 1.69 -29.92 -3.74
N ARG B 107 2.33 -30.08 -4.90
CA ARG B 107 3.69 -30.65 -5.03
C ARG B 107 4.68 -29.54 -4.64
N SER B 108 4.80 -29.26 -3.35
CA SER B 108 5.63 -28.15 -2.85
C SER B 108 7.12 -28.52 -2.99
N ASP B 109 7.42 -29.81 -3.15
CA ASP B 109 8.77 -30.32 -3.51
C ASP B 109 9.20 -29.73 -4.87
N TRP B 110 8.31 -29.71 -5.87
CA TRP B 110 8.62 -29.22 -7.24
C TRP B 110 9.06 -27.75 -7.17
N LYS B 111 8.28 -26.91 -6.49
CA LYS B 111 8.56 -25.47 -6.29
C LYS B 111 9.95 -25.34 -5.64
N TRP B 112 10.27 -26.23 -4.72
CA TRP B 112 11.60 -26.23 -4.05
C TRP B 112 12.68 -26.50 -5.09
N ASP B 113 12.44 -27.49 -5.95
CA ASP B 113 13.41 -27.95 -6.99
C ASP B 113 13.69 -26.81 -7.98
N ARG B 114 12.71 -25.93 -8.20
CA ARG B 114 12.82 -24.75 -9.10
C ARG B 114 13.66 -23.65 -8.45
N VAL B 115 13.55 -23.51 -7.13
CA VAL B 115 14.14 -22.40 -6.32
C VAL B 115 15.62 -22.71 -6.06
N LEU B 116 15.92 -23.89 -5.52
CA LEU B 116 17.24 -24.30 -4.96
C LEU B 116 18.38 -23.93 -5.90
N PRO B 117 18.30 -24.25 -7.21
CA PRO B 117 19.41 -23.96 -8.11
C PRO B 117 19.92 -22.52 -8.09
N HIS B 118 19.12 -21.53 -7.64
CA HIS B 118 19.45 -20.09 -7.83
C HIS B 118 19.74 -19.37 -6.53
N ILE B 119 19.69 -20.04 -5.38
CA ILE B 119 19.87 -19.35 -4.06
C ILE B 119 21.33 -19.54 -3.66
N SER B 120 21.88 -18.61 -2.86
CA SER B 120 23.15 -18.79 -2.11
C SER B 120 22.95 -19.97 -1.18
N PRO B 121 23.99 -20.80 -0.92
CA PRO B 121 23.79 -21.98 -0.08
C PRO B 121 23.33 -21.56 1.33
N LEU B 122 22.40 -22.34 1.87
CA LEU B 122 21.76 -22.07 3.18
C LEU B 122 22.64 -22.56 4.33
N LYS B 123 23.66 -23.39 4.08
CA LYS B 123 24.59 -23.85 5.15
C LYS B 123 24.77 -22.68 6.13
N ASN B 124 24.32 -22.84 7.38
CA ASN B 124 24.55 -21.92 8.53
C ASN B 124 23.81 -20.57 8.40
N ARG B 125 22.89 -20.42 7.45
CA ARG B 125 22.07 -19.19 7.32
C ARG B 125 20.87 -19.30 8.28
N SER B 126 20.48 -18.18 8.88
CA SER B 126 19.15 -17.98 9.53
C SER B 126 18.19 -17.56 8.42
N VAL B 127 17.02 -18.21 8.33
CA VAL B 127 16.01 -17.98 7.27
C VAL B 127 14.69 -17.55 7.88
N LEU B 128 13.96 -16.65 7.20
CA LEU B 128 12.55 -16.37 7.51
C LEU B 128 11.71 -16.89 6.35
N ASP B 129 10.75 -17.80 6.57
CA ASP B 129 9.77 -18.21 5.53
C ASP B 129 8.48 -17.44 5.82
N VAL B 130 8.22 -16.39 5.04
CA VAL B 130 7.01 -15.53 5.17
C VAL B 130 5.86 -16.25 4.42
N GLY B 131 4.73 -16.42 5.09
CA GLY B 131 3.61 -17.25 4.61
C GLY B 131 4.06 -18.67 4.35
N CYS B 132 4.65 -19.30 5.37
CA CYS B 132 5.40 -20.59 5.27
C CYS B 132 4.47 -21.79 5.06
N GLY B 133 3.16 -21.59 5.24
CA GLY B 133 2.18 -22.69 5.25
C GLY B 133 2.38 -23.55 6.48
N ASN B 134 2.36 -24.88 6.34
CA ASN B 134 2.66 -25.85 7.45
C ASN B 134 4.18 -25.99 7.64
N GLY B 135 4.97 -25.24 6.87
CA GLY B 135 6.44 -25.13 7.03
C GLY B 135 7.21 -26.15 6.23
N TYR B 136 6.57 -26.80 5.24
CA TYR B 136 7.23 -27.81 4.37
C TYR B 136 8.62 -27.31 3.95
N HIS B 137 8.74 -26.07 3.48
CA HIS B 137 9.99 -25.52 2.90
C HIS B 137 11.05 -25.34 4.00
N MET B 138 10.64 -24.99 5.20
CA MET B 138 11.57 -24.78 6.34
C MET B 138 12.31 -26.09 6.59
N TRP B 139 11.63 -27.24 6.46
CA TRP B 139 12.24 -28.59 6.60
C TRP B 139 13.31 -28.78 5.53
N ARG B 140 12.99 -28.47 4.28
CA ARG B 140 13.93 -28.57 3.13
C ARG B 140 15.11 -27.61 3.32
N MET B 141 14.88 -26.48 3.99
CA MET B 141 15.91 -25.44 4.24
C MET B 141 16.94 -26.02 5.22
N LEU B 142 16.46 -26.70 6.26
CA LEU B 142 17.31 -27.43 7.24
C LEU B 142 18.02 -28.59 6.52
N GLY B 143 17.36 -29.25 5.57
CA GLY B 143 17.96 -30.27 4.67
C GLY B 143 19.23 -29.78 4.00
N GLU B 144 19.28 -28.48 3.67
CA GLU B 144 20.45 -27.79 3.09
C GLU B 144 21.28 -27.15 4.20
N GLY B 145 21.05 -27.58 5.45
CA GLY B 145 21.86 -27.21 6.63
C GLY B 145 21.73 -25.74 7.01
N ALA B 146 20.52 -25.18 6.93
CA ALA B 146 20.22 -23.88 7.54
C ALA B 146 20.39 -24.01 9.04
N ARG B 147 20.91 -22.96 9.69
CA ARG B 147 21.19 -22.89 11.15
C ARG B 147 19.85 -22.89 11.89
N LEU B 148 18.86 -22.15 11.36
CA LEU B 148 17.59 -21.78 12.03
C LEU B 148 16.58 -21.35 10.95
N CYS B 149 15.33 -21.78 11.10
CA CYS B 149 14.19 -21.46 10.20
C CYS B 149 13.02 -20.97 11.04
N VAL B 150 12.57 -19.76 10.76
CA VAL B 150 11.41 -19.12 11.44
C VAL B 150 10.34 -18.92 10.36
N GLY B 151 9.17 -19.52 10.56
CA GLY B 151 8.02 -19.38 9.65
C GLY B 151 7.01 -18.45 10.27
N ILE B 152 6.33 -17.64 9.47
CA ILE B 152 5.18 -16.86 10.00
C ILE B 152 3.98 -17.10 9.08
N ASP B 153 2.85 -17.37 9.71
CA ASP B 153 1.59 -17.72 9.01
C ASP B 153 0.44 -17.56 10.01
N PRO B 154 -0.57 -16.70 9.72
CA PRO B 154 -1.73 -16.53 10.61
C PRO B 154 -2.59 -17.79 10.86
N SER B 155 -2.67 -18.73 9.91
CA SER B 155 -3.50 -19.95 10.00
C SER B 155 -3.18 -20.75 11.27
N HIS B 156 -4.16 -20.80 12.19
CA HIS B 156 -4.16 -21.71 13.37
C HIS B 156 -3.91 -23.15 12.86
N LEU B 157 -4.52 -23.56 11.75
CA LEU B 157 -4.40 -24.98 11.32
C LEU B 157 -2.96 -25.28 10.90
N PHE B 158 -2.31 -24.35 10.20
CA PHE B 158 -0.97 -24.60 9.61
C PHE B 158 0.06 -24.71 10.76
N LEU B 159 -0.21 -24.03 11.88
CA LEU B 159 0.60 -24.18 13.12
C LEU B 159 0.46 -25.63 13.63
N ILE B 160 -0.76 -26.17 13.74
CA ILE B 160 -0.97 -27.54 14.27
C ILE B 160 -0.31 -28.56 13.31
N GLN B 161 -0.52 -28.40 11.99
CA GLN B 161 0.12 -29.22 10.94
C GLN B 161 1.62 -29.24 11.21
N PHE B 162 2.25 -28.08 11.43
CA PHE B 162 3.71 -27.99 11.60
C PHE B 162 4.15 -28.70 12.88
N GLU B 163 3.42 -28.49 13.97
CA GLU B 163 3.83 -29.00 15.31
C GLU B 163 3.72 -30.52 15.30
N ALA B 164 2.80 -31.06 14.49
CA ALA B 164 2.61 -32.51 14.24
C ALA B 164 3.90 -33.05 13.64
N ILE B 165 4.28 -32.56 12.45
CA ILE B 165 5.52 -33.02 11.77
C ILE B 165 6.69 -32.79 12.75
N ARG B 166 6.75 -31.63 13.41
CA ARG B 166 7.90 -31.33 14.30
C ARG B 166 7.94 -32.41 15.40
N LYS B 167 6.81 -32.70 16.05
CA LYS B 167 6.77 -33.71 17.14
C LYS B 167 7.33 -35.04 16.60
N LEU B 168 6.92 -35.43 15.40
CA LEU B 168 7.31 -36.70 14.73
C LEU B 168 8.78 -36.65 14.28
N MET B 169 9.39 -35.47 14.23
CA MET B 169 10.86 -35.27 14.07
C MET B 169 11.56 -35.24 15.45
N GLY B 170 10.86 -35.57 16.53
CA GLY B 170 11.39 -35.54 17.91
C GLY B 170 11.61 -34.13 18.44
N GLY B 171 10.78 -33.17 18.04
CA GLY B 171 10.77 -31.82 18.63
C GLY B 171 11.96 -30.96 18.22
N ASP B 172 12.48 -31.16 17.01
CA ASP B 172 13.51 -30.28 16.36
C ASP B 172 13.27 -28.80 16.72
N GLN B 173 14.25 -28.15 17.37
CA GLN B 173 14.12 -26.74 17.88
C GLN B 173 14.78 -25.74 16.92
N ARG B 174 15.08 -26.14 15.67
CA ARG B 174 15.78 -25.30 14.67
C ARG B 174 14.77 -24.74 13.67
N ALA B 175 13.53 -25.24 13.68
CA ALA B 175 12.40 -24.64 12.94
C ALA B 175 11.29 -24.32 13.94
N HIS B 176 10.59 -23.21 13.68
CA HIS B 176 9.49 -22.65 14.51
C HIS B 176 8.47 -21.97 13.60
N LEU B 177 7.19 -22.04 13.97
CA LEU B 177 6.12 -21.35 13.24
C LEU B 177 5.38 -20.43 14.21
N LEU B 178 5.47 -19.12 13.99
CA LEU B 178 4.78 -18.07 14.79
C LEU B 178 3.50 -17.67 14.07
N PRO B 179 2.35 -17.64 14.77
CA PRO B 179 1.07 -17.29 14.12
C PRO B 179 0.88 -15.77 13.87
N LEU B 180 1.76 -15.16 13.06
CA LEU B 180 1.81 -13.69 12.84
C LEU B 180 1.61 -13.41 11.35
N GLY B 181 1.14 -12.20 11.04
CA GLY B 181 1.28 -11.58 9.70
C GLY B 181 2.64 -10.94 9.54
N ILE B 182 3.13 -10.80 8.31
CA ILE B 182 4.42 -10.10 8.03
C ILE B 182 4.34 -8.67 8.58
N GLU B 183 3.16 -8.04 8.50
CA GLU B 183 2.92 -6.63 8.93
C GLU B 183 3.17 -6.47 10.43
N GLN B 184 3.15 -7.57 11.20
CA GLN B 184 3.32 -7.55 12.69
C GLN B 184 4.81 -7.57 13.06
N LEU B 185 5.72 -7.91 12.15
CA LEU B 185 7.16 -7.98 12.51
C LEU B 185 7.73 -6.57 12.56
N PRO B 186 8.59 -6.21 13.54
CA PRO B 186 9.33 -4.95 13.48
C PRO B 186 10.50 -5.06 12.50
N LYS B 187 11.31 -4.00 12.36
CA LYS B 187 12.50 -3.96 11.47
C LYS B 187 13.65 -4.71 12.14
N LEU B 188 13.67 -6.05 12.08
CA LEU B 188 14.63 -6.89 12.84
C LEU B 188 16.00 -6.92 12.17
N GLU B 189 16.03 -6.90 10.83
CA GLU B 189 17.28 -6.99 10.04
C GLU B 189 18.19 -8.06 10.63
N ALA B 190 17.67 -9.29 10.76
CA ALA B 190 18.33 -10.36 11.54
C ALA B 190 18.57 -11.63 10.71
N PHE B 191 18.10 -11.68 9.47
CA PHE B 191 18.00 -12.93 8.68
C PHE B 191 18.96 -12.88 7.49
N ASP B 192 19.64 -14.00 7.23
CA ASP B 192 20.56 -14.17 6.08
C ASP B 192 19.73 -14.27 4.79
N THR B 193 18.77 -15.19 4.75
CA THR B 193 17.82 -15.35 3.62
C THR B 193 16.39 -15.18 4.14
N VAL B 194 15.55 -14.55 3.33
CA VAL B 194 14.08 -14.41 3.54
C VAL B 194 13.38 -14.96 2.30
N PHE B 195 12.47 -15.90 2.50
CA PHE B 195 11.54 -16.42 1.47
C PHE B 195 10.21 -15.71 1.67
N SER B 196 9.64 -15.19 0.58
CA SER B 196 8.22 -14.76 0.47
C SER B 196 7.66 -15.41 -0.80
N MET B 197 6.98 -16.54 -0.64
CA MET B 197 6.45 -17.36 -1.76
C MET B 197 4.94 -17.50 -1.57
N GLY B 198 4.16 -16.88 -2.48
CA GLY B 198 2.69 -16.96 -2.54
C GLY B 198 2.04 -15.94 -1.62
N VAL B 199 2.70 -14.82 -1.30
CA VAL B 199 2.15 -13.84 -0.32
C VAL B 199 1.86 -12.51 -1.02
N LEU B 200 2.68 -12.10 -1.98
CA LEU B 200 2.65 -10.70 -2.53
C LEU B 200 1.25 -10.35 -3.03
N TYR B 201 0.57 -11.28 -3.72
CA TYR B 201 -0.73 -10.99 -4.41
C TYR B 201 -1.84 -10.82 -3.38
N HIS B 202 -1.63 -11.24 -2.13
CA HIS B 202 -2.60 -11.19 -1.00
C HIS B 202 -2.49 -9.86 -0.26
N ARG B 203 -1.49 -9.05 -0.57
CA ARG B 203 -1.06 -7.87 0.22
C ARG B 203 -1.47 -6.62 -0.55
N ARG B 204 -2.28 -5.78 0.07
CA ARG B 204 -2.91 -4.61 -0.61
C ARG B 204 -1.87 -3.57 -1.02
N SER B 205 -0.79 -3.42 -0.26
CA SER B 205 0.39 -2.59 -0.61
C SER B 205 1.56 -3.51 -0.96
N PRO B 206 1.76 -3.83 -2.24
CA PRO B 206 2.90 -4.66 -2.63
C PRO B 206 4.26 -4.02 -2.29
N LEU B 207 4.41 -2.72 -2.50
CA LEU B 207 5.73 -2.06 -2.25
C LEU B 207 6.04 -2.18 -0.75
N ASP B 208 5.07 -1.89 0.12
CA ASP B 208 5.24 -2.00 1.59
C ASP B 208 5.60 -3.45 1.93
N HIS B 209 5.07 -4.42 1.19
CA HIS B 209 5.39 -5.85 1.44
C HIS B 209 6.88 -6.09 1.15
N LEU B 210 7.38 -5.60 0.01
CA LEU B 210 8.80 -5.77 -0.40
C LEU B 210 9.71 -5.09 0.64
N ILE B 211 9.28 -3.93 1.18
CA ILE B 211 10.06 -3.15 2.18
C ILE B 211 10.11 -3.96 3.49
N GLN B 212 8.96 -4.52 3.92
CA GLN B 212 8.80 -5.33 5.16
C GLN B 212 9.76 -6.52 5.10
N LEU B 213 9.91 -7.13 3.91
CA LEU B 213 10.87 -8.22 3.65
C LEU B 213 12.30 -7.69 3.77
N LYS B 214 12.62 -6.60 3.05
CA LYS B 214 13.96 -5.99 3.09
C LYS B 214 14.34 -5.71 4.55
N ASP B 215 13.37 -5.36 5.40
CA ASP B 215 13.58 -4.95 6.81
C ASP B 215 13.92 -6.13 7.73
N GLN B 216 13.73 -7.38 7.29
CA GLN B 216 14.06 -8.60 8.08
C GLN B 216 15.45 -9.12 7.70
N LEU B 217 15.98 -8.68 6.55
CA LEU B 217 17.32 -9.09 6.03
C LEU B 217 18.41 -8.27 6.73
N VAL B 218 19.51 -8.94 7.05
CA VAL B 218 20.82 -8.29 7.37
C VAL B 218 21.37 -7.64 6.08
N SER B 219 22.48 -6.93 6.18
CA SER B 219 23.21 -6.34 5.01
C SER B 219 23.58 -7.47 4.06
N GLY B 220 23.49 -7.23 2.75
CA GLY B 220 23.82 -8.22 1.71
C GLY B 220 23.08 -9.54 1.92
N GLY B 221 21.99 -9.51 2.71
CA GLY B 221 21.11 -10.67 2.90
C GLY B 221 20.34 -10.94 1.62
N GLU B 222 19.84 -12.18 1.44
CA GLU B 222 19.21 -12.64 0.17
C GLU B 222 17.70 -12.79 0.34
N LEU B 223 16.96 -12.25 -0.64
CA LEU B 223 15.48 -12.37 -0.79
C LEU B 223 15.16 -13.31 -1.95
N ILE B 224 14.44 -14.40 -1.67
CA ILE B 224 13.66 -15.17 -2.67
C ILE B 224 12.22 -14.67 -2.62
N LEU B 225 11.71 -14.22 -3.76
CA LEU B 225 10.32 -13.75 -3.90
C LEU B 225 9.64 -14.62 -4.95
N GLU B 226 8.57 -15.30 -4.57
CA GLU B 226 7.73 -16.09 -5.51
C GLU B 226 6.28 -15.59 -5.43
N THR B 227 5.66 -15.35 -6.58
CA THR B 227 4.30 -14.78 -6.66
C THR B 227 3.72 -15.12 -8.03
N LEU B 228 2.40 -15.06 -8.14
CA LEU B 228 1.65 -15.21 -9.39
C LEU B 228 1.88 -13.94 -10.23
N VAL B 229 2.07 -14.12 -11.52
CA VAL B 229 2.44 -13.03 -12.45
C VAL B 229 1.63 -13.20 -13.73
N ILE B 230 1.81 -12.23 -14.64
CA ILE B 230 1.31 -12.24 -16.04
C ILE B 230 2.53 -12.04 -16.93
N GLU B 231 2.34 -12.22 -18.24
CA GLU B 231 3.37 -11.95 -19.27
C GLU B 231 3.37 -10.43 -19.49
N GLY B 232 4.51 -9.87 -19.90
CA GLY B 232 4.59 -8.48 -20.37
C GLY B 232 5.87 -7.79 -19.97
N ASP B 233 6.02 -6.55 -20.42
CA ASP B 233 7.14 -5.63 -20.10
C ASP B 233 6.91 -5.05 -18.70
N GLU B 234 7.70 -4.03 -18.31
CA GLU B 234 7.71 -3.48 -16.93
C GLU B 234 6.44 -2.69 -16.62
N THR B 235 5.53 -2.54 -17.59
CA THR B 235 4.24 -1.80 -17.46
C THR B 235 3.04 -2.77 -17.39
N ALA B 236 3.28 -4.09 -17.31
CA ALA B 236 2.24 -5.16 -17.32
C ALA B 236 1.87 -5.54 -15.88
N VAL B 237 0.69 -5.12 -15.42
CA VAL B 237 0.26 -5.25 -13.99
C VAL B 237 -1.26 -5.50 -13.92
N LEU B 238 -1.65 -6.77 -13.76
CA LEU B 238 -3.06 -7.16 -13.61
C LEU B 238 -3.48 -6.91 -12.17
N VAL B 239 -4.56 -6.15 -12.00
CA VAL B 239 -5.30 -5.95 -10.74
C VAL B 239 -6.74 -6.35 -11.03
N PRO B 240 -7.21 -7.53 -10.58
CA PRO B 240 -8.58 -7.99 -10.91
C PRO B 240 -9.69 -7.18 -10.23
N LYS B 241 -10.77 -6.89 -10.96
CA LYS B 241 -12.01 -6.21 -10.46
C LYS B 241 -12.61 -7.06 -9.35
N GLU B 242 -12.73 -8.38 -9.54
CA GLU B 242 -13.49 -9.29 -8.62
C GLU B 242 -12.50 -10.33 -8.06
N ARG B 243 -12.59 -11.57 -8.54
CA ARG B 243 -11.75 -12.69 -8.08
C ARG B 243 -10.78 -13.09 -9.18
N TYR B 244 -9.71 -13.79 -8.79
CA TYR B 244 -8.72 -14.44 -9.68
C TYR B 244 -8.52 -15.88 -9.21
N ALA B 245 -8.94 -16.85 -10.03
CA ALA B 245 -8.90 -18.30 -9.71
C ALA B 245 -9.64 -18.55 -8.40
N GLN B 246 -10.81 -17.93 -8.22
CA GLN B 246 -11.73 -18.14 -7.07
C GLN B 246 -11.20 -17.51 -5.77
N MET B 247 -9.98 -16.96 -5.73
CA MET B 247 -9.48 -16.23 -4.54
C MET B 247 -10.18 -14.89 -4.42
N ARG B 248 -10.58 -14.48 -3.21
CA ARG B 248 -10.83 -13.04 -2.92
C ARG B 248 -9.74 -12.56 -1.99
N ASN B 249 -9.69 -11.23 -1.78
CA ASN B 249 -8.60 -10.49 -1.09
C ASN B 249 -7.29 -10.84 -1.79
N VAL B 250 -7.23 -10.48 -3.05
CA VAL B 250 -6.02 -10.51 -3.90
C VAL B 250 -5.98 -9.18 -4.64
N TYR B 251 -4.78 -8.76 -4.98
CA TYR B 251 -4.51 -7.35 -5.35
C TYR B 251 -3.63 -7.31 -6.62
N PHE B 252 -2.31 -7.26 -6.50
CA PHE B 252 -1.42 -7.00 -7.65
C PHE B 252 -0.81 -8.30 -8.16
N PHE B 253 -0.86 -8.46 -9.48
CA PHE B 253 -0.21 -9.52 -10.30
C PHE B 253 0.62 -8.85 -11.38
N PRO B 254 1.78 -8.26 -11.03
CA PRO B 254 2.67 -7.63 -12.00
C PRO B 254 3.36 -8.69 -12.83
N SER B 255 3.87 -8.33 -14.01
CA SER B 255 4.80 -9.19 -14.79
C SER B 255 6.07 -9.34 -13.97
N ALA B 256 6.78 -10.45 -14.16
CA ALA B 256 8.12 -10.69 -13.57
C ALA B 256 9.01 -9.47 -13.83
N ARG B 257 8.90 -8.86 -15.02
CA ARG B 257 9.76 -7.73 -15.42
C ARG B 257 9.34 -6.45 -14.67
N ALA B 258 8.06 -6.26 -14.40
CA ALA B 258 7.56 -5.13 -13.58
C ALA B 258 8.04 -5.35 -12.13
N LEU B 259 7.80 -6.55 -11.60
CA LEU B 259 8.17 -6.91 -10.21
C LEU B 259 9.67 -6.64 -9.99
N LYS B 260 10.48 -6.88 -11.02
CA LYS B 260 11.94 -6.68 -10.99
C LYS B 260 12.24 -5.19 -10.81
N VAL B 261 11.51 -4.32 -11.51
CA VAL B 261 11.65 -2.84 -11.37
C VAL B 261 11.18 -2.40 -9.99
N TRP B 262 10.05 -2.94 -9.52
CA TRP B 262 9.46 -2.68 -8.17
C TRP B 262 10.52 -2.95 -7.10
N LEU B 263 11.18 -4.10 -7.18
CA LEU B 263 12.24 -4.54 -6.23
C LEU B 263 13.41 -3.57 -6.26
N GLU B 264 13.79 -3.11 -7.45
CA GLU B 264 14.85 -2.11 -7.66
C GLU B 264 14.43 -0.79 -7.03
N LEU B 265 13.21 -0.30 -7.31
CA LEU B 265 12.68 1.00 -6.78
C LEU B 265 12.80 1.03 -5.25
N VAL B 266 12.40 -0.07 -4.62
CA VAL B 266 12.33 -0.26 -3.15
C VAL B 266 13.77 -0.33 -2.59
N GLY B 267 14.75 -0.70 -3.40
CA GLY B 267 16.17 -0.54 -3.06
C GLY B 267 17.00 -1.82 -3.15
N PHE B 268 16.43 -2.91 -3.65
CA PHE B 268 17.16 -4.19 -3.84
C PHE B 268 18.15 -4.07 -5.02
N GLU B 269 19.24 -4.84 -4.94
CA GLU B 269 20.32 -4.94 -5.95
C GLU B 269 20.32 -6.36 -6.53
N ASP B 270 20.98 -6.52 -7.70
CA ASP B 270 21.24 -7.83 -8.35
C ASP B 270 19.94 -8.59 -8.56
N VAL B 271 18.89 -7.88 -8.96
CA VAL B 271 17.56 -8.51 -9.04
C VAL B 271 17.54 -9.38 -10.29
N ARG B 272 17.22 -10.65 -10.12
CA ARG B 272 17.29 -11.69 -11.17
C ARG B 272 15.93 -12.40 -11.26
N ILE B 273 15.37 -12.49 -12.46
CA ILE B 273 14.22 -13.38 -12.73
C ILE B 273 14.81 -14.75 -13.09
N VAL B 274 14.61 -15.78 -12.27
CA VAL B 274 15.34 -17.09 -12.41
C VAL B 274 14.39 -18.24 -12.84
N ASP B 275 13.08 -17.99 -12.99
CA ASP B 275 12.11 -19.03 -13.42
C ASP B 275 10.71 -18.41 -13.56
N GLU B 276 10.01 -18.78 -14.62
CA GLU B 276 8.55 -18.58 -14.80
C GLU B 276 7.92 -19.96 -15.06
N ASN B 277 6.99 -20.41 -14.23
CA ASN B 277 6.30 -21.72 -14.41
C ASN B 277 4.78 -21.49 -14.46
N VAL B 278 4.08 -22.18 -15.38
CA VAL B 278 2.59 -22.21 -15.48
C VAL B 278 2.12 -23.43 -14.69
N THR B 279 1.55 -23.20 -13.50
CA THR B 279 1.05 -24.25 -12.57
C THR B 279 0.21 -25.26 -13.37
N SER B 280 0.65 -26.52 -13.47
CA SER B 280 -0.15 -27.62 -14.05
C SER B 280 -1.08 -28.20 -12.98
N VAL B 281 -2.05 -29.02 -13.39
CA VAL B 281 -2.99 -29.71 -12.48
C VAL B 281 -2.34 -30.98 -11.89
N ASP B 282 -1.07 -31.24 -12.22
CA ASP B 282 -0.23 -32.28 -11.58
C ASP B 282 0.49 -31.67 -10.37
N GLU B 283 0.76 -30.37 -10.41
CA GLU B 283 1.39 -29.62 -9.28
C GLU B 283 0.34 -29.21 -8.23
N GLN B 284 -0.89 -28.90 -8.66
CA GLN B 284 -1.96 -28.46 -7.73
C GLN B 284 -3.27 -29.16 -8.11
N ARG B 285 -3.72 -30.09 -7.27
CA ARG B 285 -4.92 -30.89 -7.53
C ARG B 285 -5.61 -31.19 -6.21
N THR B 286 -6.88 -31.61 -6.27
CA THR B 286 -7.62 -32.23 -5.15
C THR B 286 -6.94 -33.57 -4.84
N THR B 287 -6.96 -34.02 -3.59
CA THR B 287 -6.39 -35.32 -3.15
C THR B 287 -7.20 -35.90 -1.99
N ASN B 288 -6.91 -37.17 -1.71
CA ASN B 288 -7.18 -37.97 -0.49
C ASN B 288 -7.07 -37.10 0.77
N TRP B 289 -6.07 -36.23 0.86
CA TRP B 289 -5.73 -35.44 2.07
C TRP B 289 -6.17 -33.98 1.97
N MET B 290 -6.60 -33.53 0.78
CA MET B 290 -7.14 -32.16 0.56
C MET B 290 -8.33 -32.29 -0.40
N THR B 291 -9.52 -32.55 0.14
CA THR B 291 -10.70 -33.07 -0.61
C THR B 291 -11.55 -31.92 -1.17
N HIS B 292 -11.22 -30.68 -0.81
CA HIS B 292 -11.88 -29.43 -1.29
C HIS B 292 -11.60 -29.27 -2.78
N ASN B 293 -12.17 -28.23 -3.40
CA ASN B 293 -11.80 -27.75 -4.75
C ASN B 293 -10.35 -27.31 -4.83
N SER B 294 -9.78 -27.36 -6.03
CA SER B 294 -8.37 -27.01 -6.37
C SER B 294 -8.30 -26.54 -7.83
N LEU B 295 -7.10 -26.44 -8.40
CA LEU B 295 -6.82 -25.65 -9.63
C LEU B 295 -7.77 -26.04 -10.77
N PRO B 296 -7.99 -27.34 -11.09
CA PRO B 296 -8.93 -27.72 -12.15
C PRO B 296 -10.28 -26.97 -12.11
N ASP B 297 -10.77 -26.75 -10.89
CA ASP B 297 -12.06 -26.08 -10.60
C ASP B 297 -11.97 -24.56 -10.87
N TYR B 298 -10.76 -23.99 -10.73
CA TYR B 298 -10.47 -22.54 -10.79
C TYR B 298 -10.14 -22.08 -12.21
N LEU B 299 -9.86 -23.03 -13.11
CA LEU B 299 -9.63 -22.74 -14.55
C LEU B 299 -10.99 -22.70 -15.28
N ASP B 300 -11.05 -21.99 -16.42
CA ASP B 300 -12.12 -22.09 -17.45
C ASP B 300 -12.24 -23.57 -17.83
N GLN B 301 -13.45 -24.14 -17.72
CA GLN B 301 -13.74 -25.58 -17.95
C GLN B 301 -13.40 -25.96 -19.41
N ASN B 302 -13.38 -24.96 -20.32
CA ASN B 302 -13.10 -25.17 -21.76
C ASN B 302 -11.83 -24.44 -22.23
N ASP B 303 -11.06 -23.80 -21.34
CA ASP B 303 -9.75 -23.19 -21.71
C ASP B 303 -8.84 -23.13 -20.48
N PRO B 304 -7.95 -24.14 -20.28
CA PRO B 304 -7.03 -24.13 -19.14
C PRO B 304 -5.96 -23.04 -19.14
N SER B 305 -5.86 -22.27 -20.23
CA SER B 305 -4.96 -21.11 -20.37
C SER B 305 -5.58 -19.88 -19.68
N LYS B 306 -6.82 -19.99 -19.17
CA LYS B 306 -7.57 -18.88 -18.50
C LYS B 306 -8.17 -19.37 -17.17
N THR B 307 -8.38 -18.46 -16.23
CA THR B 307 -9.15 -18.69 -14.97
C THR B 307 -10.65 -18.71 -15.31
N VAL B 308 -11.49 -19.28 -14.44
CA VAL B 308 -12.98 -19.23 -14.60
C VAL B 308 -13.39 -17.79 -14.89
N GLU B 309 -12.74 -16.80 -14.29
CA GLU B 309 -13.12 -15.36 -14.42
C GLU B 309 -12.72 -14.80 -15.80
N GLY B 310 -11.87 -15.50 -16.56
CA GLY B 310 -11.44 -15.06 -17.92
C GLY B 310 -10.01 -14.54 -17.97
N TYR B 311 -9.33 -14.35 -16.83
CA TYR B 311 -7.96 -13.79 -16.74
C TYR B 311 -6.93 -14.85 -17.16
N PRO B 312 -5.69 -14.46 -17.59
CA PRO B 312 -4.64 -15.43 -17.87
C PRO B 312 -4.50 -16.40 -16.69
N ALA B 313 -4.28 -17.69 -16.96
CA ALA B 313 -4.24 -18.76 -15.94
C ALA B 313 -2.99 -18.64 -15.06
N PRO B 314 -3.01 -19.24 -13.85
CA PRO B 314 -1.90 -19.11 -12.90
C PRO B 314 -0.51 -19.38 -13.49
N ARG B 315 0.39 -18.43 -13.26
CA ARG B 315 1.80 -18.45 -13.69
C ARG B 315 2.63 -17.93 -12.51
N ARG B 316 3.51 -18.76 -11.95
CA ARG B 316 4.34 -18.41 -10.77
C ARG B 316 5.74 -18.03 -11.28
N ALA B 317 6.33 -17.00 -10.69
CA ALA B 317 7.67 -16.49 -11.03
C ALA B 317 8.54 -16.49 -9.77
N ILE B 318 9.80 -16.92 -9.89
CA ILE B 318 10.84 -16.80 -8.83
C ILE B 318 11.81 -15.68 -9.18
N LEU B 319 11.98 -14.72 -8.29
CA LEU B 319 12.96 -13.61 -8.38
C LEU B 319 13.90 -13.72 -7.17
N VAL B 320 15.19 -13.47 -7.37
CA VAL B 320 16.22 -13.50 -6.30
C VAL B 320 16.92 -12.15 -6.33
N ALA B 321 17.19 -11.56 -5.16
CA ALA B 321 17.80 -10.22 -5.01
C ALA B 321 18.69 -10.15 -3.76
N LYS B 322 19.63 -9.20 -3.72
CA LYS B 322 20.47 -8.91 -2.53
C LYS B 322 19.99 -7.57 -1.94
N LYS B 323 19.89 -7.51 -0.62
CA LYS B 323 19.79 -6.22 0.10
C LYS B 323 21.18 -5.57 0.06
N PRO B 324 21.27 -4.24 -0.18
CA PRO B 324 22.57 -3.57 -0.27
C PRO B 324 23.52 -3.85 0.90
N GLY B 325 24.82 -3.71 0.68
CA GLY B 325 25.87 -3.89 1.71
C GLY B 325 26.47 -5.28 1.63
N HIS B 326 27.53 -5.54 2.40
CA HIS B 326 28.28 -6.82 2.36
C HIS B 326 27.77 -7.76 3.46
N HIS B 327 28.07 -9.05 3.35
CA HIS B 327 27.74 -10.14 4.32
C HIS B 327 28.90 -10.34 5.31
C GEK C . -4.03 20.78 -7.98
N GEK C . -5.04 20.03 -5.87
O GEK C . -3.56 21.76 -8.65
N1 GEK C . -1.27 14.14 2.01
C2 GEK C . -1.84 15.18 1.40
N3 GEK C . -1.33 16.01 0.50
C4 GEK C . -0.05 15.66 0.20
C5 GEK C . 0.66 14.62 0.74
C6 GEK C . 0.01 13.81 1.69
N6 GEK C . 0.56 12.79 2.32
N7 GEK C . 1.94 14.59 0.18
C8 GEK C . 1.97 15.60 -0.66
N9 GEK C . 0.77 16.30 -0.69
CA GEK C . -3.99 20.89 -6.45
CB GEK C . -2.57 20.55 -5.94
SD GEK C . -0.19 19.11 -6.31
CE GEK C . 0.13 17.91 -7.64
CG GEK C . -2.03 19.14 -6.25
CZ GEK C . 0.21 18.50 -9.05
C1' GEK C . 0.42 17.52 -1.47
C2' GEK C . 1.55 18.49 -1.78
O2' GEK C . 1.81 19.20 -0.59
C3' GEK C . 0.93 19.31 -2.92
O3' GEK C . 0.27 20.51 -2.50
C4' GEK C . -0.08 18.34 -3.56
O4' GEK C . -0.05 17.14 -2.75
C5' GEK C . 0.18 17.91 -5.00
OXT GEK C . -4.53 19.74 -8.43
OZ1 GEK C . -0.70 18.21 -9.88
OZ2 GEK C . 1.19 19.22 -9.30
S SO4 D . 4.41 17.64 -13.34
O1 SO4 D . 3.57 17.48 -12.17
O2 SO4 D . 5.53 18.49 -13.00
O3 SO4 D . 3.63 18.21 -14.44
O4 SO4 D . 4.91 16.36 -13.75
C GEK E . 4.34 -21.99 -0.63
N GEK E . 5.17 -20.53 1.22
O GEK E . 3.98 -23.17 -0.97
N1 GEK E . 1.53 -12.82 6.51
C2 GEK E . 2.11 -13.99 6.21
N3 GEK E . 1.59 -15.05 5.59
C4 GEK E . 0.31 -14.83 5.27
C5 GEK E . -0.43 -13.69 5.52
C6 GEK E . 0.23 -12.63 6.17
N6 GEK E . -0.32 -11.47 6.50
N7 GEK E . -1.73 -13.86 5.04
C8 GEK E . -1.74 -15.08 4.54
N9 GEK E . -0.52 -15.71 4.63
CA GEK E . 4.17 -21.59 0.85
CB GEK E . 2.72 -21.15 1.14
SD GEK E . 0.33 -20.04 0.05
CE GEK E . 0.23 -19.37 -1.66
CG GEK E . 2.16 -19.98 0.29
CZ GEK E . -0.11 -20.35 -2.81
C1' GEK E . -0.15 -17.06 4.19
C2' GEK E . -1.29 -18.05 4.24
O2' GEK E . -1.59 -18.34 5.60
C3' GEK E . -0.75 -19.17 3.33
O3' GEK E . -0.01 -20.20 3.98
C4' GEK E . 0.22 -18.44 2.38
O4' GEK E . 0.26 -17.07 2.84
C5' GEK E . -0.16 -18.50 0.91
OXT GEK E . 4.85 -21.14 -1.41
OZ1 GEK E . -1.12 -20.05 -3.51
OZ2 GEK E . 0.68 -21.32 -3.06
S SO4 F . -4.00 -20.88 -7.17
O1 SO4 F . -3.12 -20.55 -6.05
O2 SO4 F . -5.13 -21.65 -6.71
O3 SO4 F . -3.24 -21.61 -8.18
O4 SO4 F . -4.49 -19.65 -7.74
#